data_6KI1
#
_entry.id   6KI1
#
_cell.length_a   51.813
_cell.length_b   103.346
_cell.length_c   81.521
_cell.angle_alpha   90.000
_cell.angle_beta   95.400
_cell.angle_gamma   90.000
#
_symmetry.space_group_name_H-M   'P 1 21 1'
#
loop_
_entity.id
_entity.type
_entity.pdbx_description
1 polymer 'Low affinity sulfate transporter'
2 non-polymer 'BICARBONATE ION'
3 non-polymer 'SODIUM ION'
4 non-polymer '(2R)-2,3-dihydroxypropyl (9Z)-octadec-9-enoate'
#
_entity_poly.entity_id   1
_entity_poly.type   'polypeptide(L)'
_entity_poly.pdbx_seq_one_letter_code
;QITNKIHFRNLQGDLFGGVTAAVIALPMALAFGIASGAGATAGLWGAVIVGFFAALFGGTPTLISEPTGPMTVVQTAVIA
SLVAADPDNGLAMAFTVVMMAGLFQIAFGLLKLGKYVTMMPYTVISGFMSGIGIILVILQLAPFLGQASPKGGVIGTLQA
LPNLVSNVRPVETLLALMTVGIIWFMPSRWKKFAPPQLVALVLGTIISITLFGDLDIRRIGEIQAGLPALQLPVFQADQL
QRMLIDAAVLGMLGCIDALLTSVVADSLTRTEHNSNKELVGQGIGNVMSGLFGGLGGAGATMGTVVNIQSGGRTALSGLI
RAMVLLVVILGAAKLAATIPLAVLAGIAFKVGVDIIDWGFLKRAHHVSIKGALIMYAVIVLTVLVDLIAAVG
;
_entity_poly.pdbx_strand_id   A,B
#
loop_
_chem_comp.id
_chem_comp.type
_chem_comp.name
_chem_comp.formula
BCT non-polymer 'BICARBONATE ION' 'C H O3 -1'
NA non-polymer 'SODIUM ION' 'Na 1'
OLC non-polymer '(2R)-2,3-dihydroxypropyl (9Z)-octadec-9-enoate' 'C21 H40 O4'
#
# COMPACT_ATOMS: atom_id res chain seq x y z
N GLN A 1 0.67 -17.56 2.98
CA GLN A 1 -0.33 -16.68 3.62
C GLN A 1 -0.01 -15.23 3.22
N ILE A 2 0.27 -14.37 4.19
CA ILE A 2 0.54 -12.95 3.93
C ILE A 2 2.06 -12.75 3.78
N THR A 3 2.84 -13.70 4.24
CA THR A 3 4.29 -13.60 4.11
C THR A 3 4.89 -14.73 3.30
N ASN A 4 6.21 -14.72 3.21
CA ASN A 4 6.96 -15.78 2.54
C ASN A 4 6.87 -17.07 3.34
N LYS A 5 7.21 -18.19 2.71
CA LYS A 5 7.17 -19.49 3.37
C LYS A 5 8.13 -19.59 4.55
N ILE A 6 7.57 -19.44 5.74
CA ILE A 6 8.33 -19.52 6.98
C ILE A 6 7.78 -20.68 7.76
N HIS A 7 8.61 -21.65 8.11
CA HIS A 7 8.14 -22.61 9.09
C HIS A 7 9.28 -23.11 9.91
N PHE A 8 8.93 -23.83 10.96
CA PHE A 8 9.90 -24.03 11.99
C PHE A 8 10.56 -25.37 11.96
N ARG A 9 10.56 -26.00 10.79
CA ARG A 9 11.56 -27.03 10.51
C ARG A 9 12.68 -26.34 9.71
N ASN A 10 13.67 -27.14 9.36
CA ASN A 10 14.91 -26.70 8.75
C ASN A 10 15.64 -25.75 9.65
N LEU A 11 15.28 -25.78 10.94
CA LEU A 11 15.95 -24.99 11.96
C LEU A 11 17.42 -25.12 11.76
N GLN A 12 17.89 -26.35 11.54
CA GLN A 12 19.29 -26.55 11.29
C GLN A 12 19.66 -26.00 9.91
N GLY A 13 18.92 -26.39 8.89
CA GLY A 13 19.24 -25.98 7.53
C GLY A 13 19.24 -24.46 7.42
N ASP A 14 18.11 -23.88 7.77
CA ASP A 14 17.92 -22.45 7.75
C ASP A 14 18.96 -21.71 8.58
N LEU A 15 19.39 -22.31 9.68
CA LEU A 15 20.41 -21.65 10.49
C LEU A 15 21.77 -21.68 9.81
N PHE A 16 22.20 -22.83 9.32
CA PHE A 16 23.48 -22.92 8.59
C PHE A 16 23.43 -22.07 7.32
N GLY A 17 22.24 -21.97 6.76
CA GLY A 17 22.05 -21.26 5.51
C GLY A 17 22.14 -19.78 5.70
N GLY A 18 21.30 -19.23 6.56
CA GLY A 18 21.38 -17.83 6.93
C GLY A 18 22.78 -17.36 7.31
N VAL A 19 23.44 -18.06 8.24
CA VAL A 19 24.78 -17.66 8.67
C VAL A 19 25.86 -17.77 7.58
N THR A 20 25.81 -18.79 6.74
CA THR A 20 26.71 -18.79 5.58
C THR A 20 26.42 -17.55 4.70
N ALA A 21 25.14 -17.25 4.48
CA ALA A 21 24.79 -16.18 3.57
C ALA A 21 25.11 -14.82 4.18
N ALA A 22 25.22 -14.78 5.50
CA ALA A 22 25.55 -13.53 6.16
C ALA A 22 27.04 -13.21 5.97
N VAL A 23 27.91 -14.21 6.15
CA VAL A 23 29.35 -14.00 5.99
C VAL A 23 29.73 -13.71 4.54
N ILE A 24 28.93 -14.17 3.58
CA ILE A 24 29.16 -13.88 2.16
C ILE A 24 28.74 -12.44 1.82
N ALA A 25 27.61 -12.04 2.38
CA ALA A 25 27.08 -10.71 2.17
C ALA A 25 28.07 -9.67 2.70
N LEU A 26 28.78 -10.04 3.77
CA LEU A 26 29.57 -9.07 4.54
C LEU A 26 30.75 -8.42 3.78
N PRO A 27 31.60 -9.22 3.11
CA PRO A 27 32.68 -8.56 2.37
C PRO A 27 32.16 -7.70 1.23
N MET A 28 31.14 -8.16 0.49
CA MET A 28 30.68 -7.34 -0.64
C MET A 28 29.73 -6.19 -0.25
N ALA A 29 29.04 -6.28 0.89
CA ALA A 29 28.24 -5.16 1.37
C ALA A 29 29.14 -4.03 1.77
N LEU A 30 30.30 -4.36 2.34
CA LEU A 30 31.28 -3.34 2.63
C LEU A 30 31.79 -2.73 1.33
N ALA A 31 32.11 -3.60 0.37
CA ALA A 31 32.64 -3.20 -0.91
C ALA A 31 31.68 -2.31 -1.68
N PHE A 32 30.44 -2.78 -1.82
CA PHE A 32 29.46 -2.09 -2.65
C PHE A 32 29.12 -0.72 -2.05
N GLY A 33 29.03 -0.65 -0.72
CA GLY A 33 28.78 0.61 -0.04
C GLY A 33 29.80 1.68 -0.38
N ILE A 34 31.08 1.36 -0.17
CA ILE A 34 32.16 2.26 -0.48
C ILE A 34 32.11 2.66 -1.93
N ALA A 35 32.20 1.68 -2.81
CA ALA A 35 32.04 1.90 -4.24
C ALA A 35 30.84 2.79 -4.56
N SER A 36 29.77 2.66 -3.79
CA SER A 36 28.57 3.43 -4.07
C SER A 36 28.82 4.93 -3.91
N GLY A 37 29.71 5.30 -3.00
CA GLY A 37 29.90 6.70 -2.72
C GLY A 37 29.12 7.12 -1.49
N ALA A 38 28.03 6.41 -1.23
CA ALA A 38 27.37 6.50 0.06
C ALA A 38 28.26 5.77 1.04
N GLY A 39 27.91 5.78 2.32
CA GLY A 39 28.80 5.19 3.31
C GLY A 39 29.12 3.72 3.09
N ALA A 40 30.02 3.15 3.88
CA ALA A 40 30.08 1.68 3.96
C ALA A 40 28.80 1.20 4.63
N THR A 41 28.31 2.04 5.54
CA THR A 41 27.11 1.74 6.31
C THR A 41 25.89 1.56 5.43
N ALA A 42 25.85 2.30 4.32
CA ALA A 42 24.70 2.21 3.44
C ALA A 42 24.65 0.83 2.81
N GLY A 43 25.83 0.19 2.70
CA GLY A 43 25.91 -1.07 2.02
C GLY A 43 25.37 -2.16 2.91
N LEU A 44 25.82 -2.13 4.15
CA LEU A 44 25.44 -3.11 5.16
C LEU A 44 23.97 -3.07 5.44
N TRP A 45 23.46 -1.86 5.69
CA TRP A 45 22.07 -1.70 6.11
C TRP A 45 21.07 -2.05 5.02
N GLY A 46 21.46 -1.84 3.78
CA GLY A 46 20.71 -2.37 2.67
C GLY A 46 20.69 -3.88 2.78
N ALA A 47 21.86 -4.46 3.04
CA ALA A 47 21.99 -5.92 3.08
C ALA A 47 21.09 -6.53 4.16
N VAL A 48 21.01 -5.86 5.30
CA VAL A 48 20.11 -6.27 6.36
C VAL A 48 18.64 -6.02 5.99
N ILE A 49 18.30 -4.77 5.74
CA ILE A 49 16.91 -4.41 5.48
C ILE A 49 16.30 -5.02 4.19
N VAL A 50 17.01 -4.97 3.06
CA VAL A 50 16.44 -5.53 1.83
C VAL A 50 16.35 -7.03 2.04
N GLY A 51 17.36 -7.55 2.73
CA GLY A 51 17.45 -8.98 2.98
C GLY A 51 16.23 -9.42 3.75
N PHE A 52 16.07 -8.83 4.92
CA PHE A 52 15.02 -9.21 5.85
C PHE A 52 13.62 -9.16 5.26
N PHE A 53 13.20 -7.96 4.83
CA PHE A 53 11.81 -7.76 4.44
C PHE A 53 11.49 -8.52 3.16
N ALA A 54 12.39 -8.53 2.19
CA ALA A 54 12.16 -9.35 0.98
C ALA A 54 12.08 -10.83 1.35
N ALA A 55 12.79 -11.20 2.41
CA ALA A 55 12.74 -12.57 2.82
C ALA A 55 11.43 -12.79 3.54
N LEU A 56 11.02 -11.82 4.36
CA LEU A 56 9.78 -11.94 5.11
C LEU A 56 8.56 -11.91 4.21
N PHE A 57 8.57 -11.07 3.16
CA PHE A 57 7.38 -10.84 2.38
C PHE A 57 7.41 -11.33 0.92
N GLY A 58 8.47 -12.02 0.50
CA GLY A 58 8.52 -12.45 -0.89
C GLY A 58 7.86 -13.78 -1.24
N GLY A 59 8.19 -14.35 -2.40
CA GLY A 59 7.58 -15.61 -2.81
C GLY A 59 8.56 -16.70 -3.16
N THR A 60 9.82 -16.51 -2.77
CA THR A 60 10.91 -17.45 -2.97
C THR A 60 11.59 -17.67 -1.65
N PRO A 61 11.33 -18.80 -1.03
CA PRO A 61 11.87 -19.01 0.33
C PRO A 61 13.41 -18.99 0.40
N THR A 62 14.08 -19.77 -0.44
CA THR A 62 15.53 -19.81 -0.42
C THR A 62 16.22 -18.46 -0.76
N LEU A 63 15.43 -17.46 -1.19
CA LEU A 63 16.06 -16.31 -1.83
C LEU A 63 16.79 -15.35 -0.90
N ILE A 64 18.04 -15.07 -1.23
CA ILE A 64 18.82 -14.12 -0.46
C ILE A 64 18.98 -12.81 -1.19
N SER A 65 18.32 -11.75 -0.73
CA SER A 65 18.41 -10.47 -1.43
C SER A 65 19.36 -9.50 -0.74
N GLU A 66 19.96 -8.64 -1.57
CA GLU A 66 20.92 -7.64 -1.09
C GLU A 66 21.45 -6.79 -2.25
N PRO A 67 22.07 -5.63 -1.93
CA PRO A 67 22.66 -4.82 -3.00
C PRO A 67 23.58 -5.69 -3.84
N THR A 68 23.25 -5.82 -5.12
CA THR A 68 23.66 -6.95 -5.90
C THR A 68 24.76 -6.76 -6.95
N GLY A 69 25.24 -5.55 -7.13
CA GLY A 69 26.28 -5.35 -8.14
C GLY A 69 26.09 -5.11 -9.62
N PRO A 70 24.82 -5.10 -10.08
CA PRO A 70 24.07 -4.19 -10.94
C PRO A 70 23.04 -3.21 -10.31
N MET A 71 22.66 -3.45 -9.05
CA MET A 71 22.05 -2.46 -8.18
C MET A 71 23.08 -1.41 -7.78
N THR A 72 24.25 -1.88 -7.33
CA THR A 72 25.29 -0.97 -6.84
C THR A 72 25.69 -0.05 -7.97
N VAL A 73 26.09 -0.64 -9.10
CA VAL A 73 26.55 0.16 -10.24
C VAL A 73 25.53 1.24 -10.64
N VAL A 74 24.27 0.88 -10.81
CA VAL A 74 23.27 1.86 -11.21
C VAL A 74 23.10 2.93 -10.14
N GLN A 75 22.90 2.45 -8.93
CA GLN A 75 22.73 3.34 -7.80
C GLN A 75 23.88 4.32 -7.69
N THR A 76 25.10 3.86 -7.98
CA THR A 76 26.31 4.68 -7.83
C THR A 76 26.34 5.85 -8.79
N ALA A 77 25.86 5.59 -10.01
CA ALA A 77 25.74 6.68 -10.93
C ALA A 77 24.70 7.72 -10.39
N VAL A 78 23.46 7.28 -10.19
CA VAL A 78 22.37 8.08 -9.60
C VAL A 78 22.84 9.00 -8.46
N ILE A 79 23.49 8.41 -7.46
CA ILE A 79 24.02 9.20 -6.34
C ILE A 79 25.01 10.27 -6.81
N ALA A 80 25.97 9.87 -7.63
CA ALA A 80 26.93 10.83 -8.17
C ALA A 80 26.20 11.98 -8.82
N SER A 81 25.26 11.66 -9.71
CA SER A 81 24.59 12.70 -10.47
C SER A 81 23.74 13.62 -9.58
N LEU A 82 23.05 13.05 -8.58
CA LEU A 82 22.21 13.82 -7.67
C LEU A 82 23.00 14.64 -6.64
N VAL A 83 24.19 14.19 -6.29
CA VAL A 83 25.05 15.02 -5.45
C VAL A 83 25.59 16.19 -6.25
N ALA A 84 25.85 15.95 -7.53
CA ALA A 84 26.46 16.99 -8.33
C ALA A 84 25.43 18.08 -8.58
N ALA A 85 24.16 17.69 -8.55
CA ALA A 85 23.09 18.65 -8.71
C ALA A 85 22.85 19.40 -7.41
N ASP A 86 22.91 18.67 -6.31
CA ASP A 86 22.60 19.19 -4.99
C ASP A 86 23.41 18.48 -3.94
N PRO A 87 24.54 19.06 -3.56
CA PRO A 87 25.43 18.41 -2.61
C PRO A 87 24.84 18.34 -1.20
N ASP A 88 23.82 19.17 -0.92
CA ASP A 88 23.19 19.17 0.38
C ASP A 88 22.09 18.07 0.52
N ASN A 89 21.53 17.59 -0.59
CA ASN A 89 20.47 16.57 -0.50
C ASN A 89 20.62 15.42 -1.51
N GLY A 90 21.65 15.47 -2.35
CA GLY A 90 21.92 14.43 -3.33
C GLY A 90 21.72 13.03 -2.78
N LEU A 91 22.57 12.61 -1.84
CA LEU A 91 22.41 11.32 -1.16
C LEU A 91 20.95 11.06 -0.75
N ALA A 92 20.38 11.97 0.05
CA ALA A 92 19.00 11.84 0.54
C ALA A 92 18.06 11.56 -0.58
N MET A 93 18.21 12.35 -1.63
CA MET A 93 17.44 12.22 -2.82
C MET A 93 17.55 10.83 -3.36
N ALA A 94 18.79 10.36 -3.42
CA ALA A 94 19.07 9.03 -3.92
C ALA A 94 18.40 7.96 -3.07
N PHE A 95 18.43 8.12 -1.76
CA PHE A 95 17.69 7.21 -0.92
C PHE A 95 16.17 7.28 -1.21
N THR A 96 15.69 8.46 -1.59
CA THR A 96 14.29 8.60 -1.93
C THR A 96 13.99 7.86 -3.24
N VAL A 97 14.96 7.86 -4.16
CA VAL A 97 14.88 7.08 -5.40
C VAL A 97 14.80 5.58 -5.12
N VAL A 98 15.61 5.13 -4.18
CA VAL A 98 15.56 3.75 -3.73
C VAL A 98 14.15 3.45 -3.26
N MET A 99 13.56 4.37 -2.50
CA MET A 99 12.23 4.13 -1.99
C MET A 99 11.23 4.09 -3.13
N MET A 100 11.32 5.06 -4.04
CA MET A 100 10.38 5.15 -5.15
C MET A 100 10.46 3.90 -6.02
N ALA A 101 11.67 3.45 -6.32
CA ALA A 101 11.83 2.22 -7.06
C ALA A 101 11.22 1.06 -6.27
N GLY A 102 11.29 1.14 -4.95
CA GLY A 102 10.62 0.16 -4.12
C GLY A 102 9.20 0.13 -4.64
N LEU A 103 8.50 1.25 -4.46
CA LEU A 103 7.09 1.37 -4.81
C LEU A 103 6.79 0.77 -6.17
N PHE A 104 7.66 1.07 -7.15
CA PHE A 104 7.45 0.60 -8.51
C PHE A 104 7.34 -0.92 -8.56
N GLN A 105 8.32 -1.58 -7.95
CA GLN A 105 8.29 -3.04 -7.81
C GLN A 105 6.97 -3.54 -7.23
N ILE A 106 6.58 -2.97 -6.09
CA ILE A 106 5.29 -3.28 -5.49
C ILE A 106 4.19 -3.25 -6.54
N ALA A 107 4.18 -2.22 -7.37
CA ALA A 107 3.14 -2.10 -8.40
C ALA A 107 3.28 -3.14 -9.51
N PHE A 108 4.47 -3.36 -10.04
CA PHE A 108 4.68 -4.34 -11.09
C PHE A 108 4.25 -5.71 -10.70
N GLY A 109 4.31 -5.96 -9.41
CA GLY A 109 3.89 -7.21 -8.84
C GLY A 109 2.42 -7.15 -8.60
N LEU A 110 1.98 -6.13 -7.91
CA LEU A 110 0.57 -6.00 -7.61
C LEU A 110 -0.22 -5.96 -8.87
N LEU A 111 0.44 -5.89 -10.00
CA LEU A 111 -0.26 -5.74 -11.26
C LEU A 111 0.15 -6.77 -12.29
N LYS A 112 -0.08 -8.03 -11.98
CA LYS A 112 0.09 -9.11 -12.95
C LYS A 112 1.20 -8.81 -13.94
N LEU A 113 2.31 -8.29 -13.49
CA LEU A 113 3.42 -8.11 -14.39
C LEU A 113 4.63 -9.01 -14.28
N GLY A 114 4.86 -9.56 -13.10
CA GLY A 114 6.05 -10.33 -12.86
C GLY A 114 6.27 -11.35 -13.93
N LYS A 115 5.19 -11.86 -14.44
CA LYS A 115 5.26 -12.95 -15.39
C LYS A 115 6.26 -12.73 -16.52
N TYR A 116 6.20 -11.62 -17.23
CA TYR A 116 6.78 -11.63 -18.56
C TYR A 116 8.07 -10.84 -18.60
N VAL A 117 8.63 -10.56 -17.43
CA VAL A 117 10.00 -10.09 -17.43
C VAL A 117 10.95 -11.31 -17.46
N THR A 118 10.37 -12.49 -17.63
CA THR A 118 11.12 -13.72 -17.91
C THR A 118 11.46 -13.81 -19.40
N MET A 119 10.70 -13.05 -20.19
CA MET A 119 10.80 -13.10 -21.66
C MET A 119 12.09 -12.50 -22.21
N MET A 120 12.91 -11.95 -21.32
CA MET A 120 14.26 -11.51 -21.66
C MET A 120 15.13 -12.60 -22.30
N PRO A 121 15.77 -12.29 -23.45
CA PRO A 121 16.69 -13.26 -24.05
C PRO A 121 18.05 -13.29 -23.37
N TYR A 122 18.63 -14.47 -23.32
CA TYR A 122 19.94 -14.66 -22.74
C TYR A 122 20.95 -13.67 -23.27
N THR A 123 20.97 -13.41 -24.58
CA THR A 123 22.01 -12.54 -25.13
C THR A 123 21.96 -11.17 -24.47
N VAL A 124 20.75 -10.71 -24.16
CA VAL A 124 20.60 -9.39 -23.55
C VAL A 124 21.04 -9.39 -22.09
N ILE A 125 20.58 -10.35 -21.32
CA ILE A 125 21.03 -10.46 -19.97
C ILE A 125 22.51 -10.44 -19.98
N SER A 126 23.14 -11.24 -20.84
CA SER A 126 24.58 -11.43 -20.86
C SER A 126 25.37 -10.22 -21.29
N GLY A 127 24.78 -9.42 -22.15
CA GLY A 127 25.38 -8.18 -22.54
C GLY A 127 25.35 -7.28 -21.35
N PHE A 128 24.20 -7.05 -20.78
CA PHE A 128 24.08 -6.21 -19.63
C PHE A 128 25.06 -6.59 -18.59
N MET A 129 25.24 -7.87 -18.39
CA MET A 129 26.01 -8.34 -17.26
C MET A 129 27.46 -8.11 -17.46
N SER A 130 27.94 -8.38 -18.67
CA SER A 130 29.32 -8.14 -18.96
C SER A 130 29.56 -6.68 -19.09
N GLY A 131 28.52 -5.93 -19.31
CA GLY A 131 28.61 -4.50 -19.35
C GLY A 131 28.87 -4.02 -17.97
N ILE A 132 28.13 -4.49 -17.01
CA ILE A 132 28.22 -3.98 -15.67
C ILE A 132 29.52 -4.38 -15.05
N GLY A 133 30.00 -5.56 -15.41
CA GLY A 133 31.25 -6.07 -14.93
C GLY A 133 32.40 -5.12 -15.27
N ILE A 134 32.51 -4.74 -16.54
CA ILE A 134 33.54 -3.79 -16.99
C ILE A 134 33.59 -2.49 -16.15
N ILE A 135 32.43 -1.91 -15.87
CA ILE A 135 32.36 -0.70 -15.09
C ILE A 135 32.91 -0.90 -13.69
N LEU A 136 32.55 -2.02 -13.09
CA LEU A 136 32.94 -2.31 -11.73
C LEU A 136 34.47 -2.40 -11.65
N VAL A 137 35.06 -3.07 -12.65
CA VAL A 137 36.50 -3.20 -12.74
C VAL A 137 37.17 -1.83 -12.81
N ILE A 138 36.72 -0.98 -13.73
CA ILE A 138 37.30 0.36 -13.88
C ILE A 138 37.09 1.24 -12.63
N LEU A 139 36.05 0.99 -11.86
CA LEU A 139 35.85 1.77 -10.62
C LEU A 139 36.96 1.47 -9.63
N GLN A 140 37.36 0.21 -9.64
CA GLN A 140 38.41 -0.31 -8.79
C GLN A 140 39.78 0.03 -9.34
N LEU A 141 39.83 0.38 -10.62
CA LEU A 141 41.06 0.93 -11.21
C LEU A 141 41.71 1.96 -10.29
N ALA A 142 40.90 2.88 -9.77
CA ALA A 142 41.44 3.98 -8.97
C ALA A 142 41.84 3.54 -7.54
N PRO A 143 40.92 2.89 -6.77
CA PRO A 143 41.32 2.18 -5.55
C PRO A 143 42.56 1.26 -5.69
N PHE A 144 42.73 0.59 -6.84
CA PHE A 144 43.91 -0.25 -7.07
C PHE A 144 45.17 0.61 -7.03
N LEU A 145 45.12 1.78 -7.68
CA LEU A 145 46.27 2.67 -7.80
C LEU A 145 46.65 3.30 -6.47
N GLY A 146 45.79 3.17 -5.48
CA GLY A 146 46.13 3.61 -4.14
C GLY A 146 45.67 5.02 -3.84
N GLN A 147 44.97 5.62 -4.80
CA GLN A 147 44.36 6.92 -4.60
C GLN A 147 42.88 6.72 -4.71
N ALA A 148 42.12 7.68 -4.21
CA ALA A 148 40.68 7.56 -4.17
C ALA A 148 40.07 7.82 -5.54
N SER A 149 38.87 7.28 -5.74
CA SER A 149 38.10 7.50 -6.95
C SER A 149 37.82 8.98 -7.22
N PRO A 150 38.01 9.39 -8.46
CA PRO A 150 37.63 10.70 -8.95
C PRO A 150 36.14 10.75 -9.21
N LYS A 151 35.65 11.95 -9.49
CA LYS A 151 34.25 12.28 -9.52
C LYS A 151 33.51 11.96 -10.82
N GLY A 152 34.19 11.32 -11.78
CA GLY A 152 33.56 11.12 -13.07
C GLY A 152 32.28 10.32 -12.96
N GLY A 153 32.29 9.22 -12.24
CA GLY A 153 33.43 8.38 -12.10
C GLY A 153 33.57 7.63 -13.40
N VAL A 154 34.74 7.07 -13.63
CA VAL A 154 35.12 6.42 -14.86
C VAL A 154 35.15 7.22 -16.14
N ILE A 155 34.99 8.53 -16.02
CA ILE A 155 35.14 9.35 -17.19
C ILE A 155 35.99 10.24 -16.35
N GLY A 156 35.58 10.49 -15.12
CA GLY A 156 36.41 11.25 -14.22
C GLY A 156 37.66 10.48 -14.05
N THR A 157 37.51 9.19 -13.88
CA THR A 157 38.64 8.32 -13.66
C THR A 157 39.60 8.15 -14.80
N LEU A 158 39.04 7.93 -15.99
CA LEU A 158 39.80 7.82 -17.21
C LEU A 158 40.39 9.15 -17.60
N GLN A 159 39.70 10.21 -17.27
CA GLN A 159 40.23 11.52 -17.43
C GLN A 159 41.43 11.62 -16.53
N ALA A 160 41.31 11.10 -15.33
CA ALA A 160 42.34 11.28 -14.32
C ALA A 160 43.37 10.22 -14.34
N LEU A 161 43.23 9.28 -15.24
CA LEU A 161 44.26 8.24 -15.36
C LEU A 161 45.66 8.82 -15.52
N PRO A 162 45.85 9.89 -16.34
CA PRO A 162 47.23 10.21 -16.70
C PRO A 162 48.07 10.34 -15.45
N ASN A 163 48.02 11.39 -14.63
CA ASN A 163 48.95 11.39 -13.49
C ASN A 163 48.40 10.84 -12.17
N LEU A 164 47.22 10.24 -12.23
CA LEU A 164 46.97 9.07 -11.38
C LEU A 164 48.05 8.00 -11.71
N VAL A 165 48.82 8.15 -12.82
CA VAL A 165 49.85 7.16 -13.21
C VAL A 165 50.95 7.10 -12.22
N SER A 166 51.40 8.26 -11.74
CA SER A 166 52.66 8.32 -11.03
C SER A 166 52.44 8.96 -9.69
N ASN A 167 51.18 9.12 -9.30
CA ASN A 167 50.91 9.31 -7.89
C ASN A 167 50.70 7.94 -7.20
N VAL A 168 51.09 6.84 -7.86
CA VAL A 168 50.82 5.47 -7.37
C VAL A 168 51.14 5.20 -5.91
N ARG A 169 50.43 4.21 -5.36
CA ARG A 169 50.77 3.56 -4.12
C ARG A 169 51.12 2.11 -4.43
N PRO A 170 52.40 1.78 -4.42
CA PRO A 170 52.76 0.43 -4.85
C PRO A 170 52.26 -0.64 -3.87
N VAL A 171 52.24 -0.33 -2.58
CA VAL A 171 51.86 -1.34 -1.58
C VAL A 171 50.37 -1.67 -1.72
N GLU A 172 49.57 -0.64 -1.87
CA GLU A 172 48.14 -0.80 -2.11
C GLU A 172 47.85 -1.70 -3.34
N THR A 173 48.37 -1.34 -4.52
CA THR A 173 48.28 -2.21 -5.70
C THR A 173 48.67 -3.63 -5.31
N LEU A 174 49.75 -3.72 -4.55
CA LEU A 174 50.26 -5.00 -4.09
C LEU A 174 49.22 -5.71 -3.23
N LEU A 175 48.57 -4.92 -2.38
CA LEU A 175 47.51 -5.38 -1.50
C LEU A 175 46.31 -5.81 -2.31
N ALA A 176 45.92 -4.97 -3.26
CA ALA A 176 44.78 -5.29 -4.10
C ALA A 176 45.05 -6.56 -4.90
N LEU A 177 46.21 -6.66 -5.56
CA LEU A 177 46.56 -7.87 -6.30
C LEU A 177 46.57 -9.09 -5.38
N MET A 178 47.21 -8.93 -4.22
CA MET A 178 47.28 -9.99 -3.24
C MET A 178 45.87 -10.55 -2.94
N THR A 179 44.89 -9.68 -2.71
CA THR A 179 43.51 -10.09 -2.42
C THR A 179 42.92 -10.95 -3.54
N VAL A 180 43.04 -10.44 -4.77
CA VAL A 180 42.55 -11.14 -5.96
C VAL A 180 43.17 -12.52 -5.99
N GLY A 181 44.49 -12.56 -5.82
CA GLY A 181 45.20 -13.80 -5.68
C GLY A 181 44.61 -14.76 -4.67
N ILE A 182 44.29 -14.29 -3.46
CA ILE A 182 43.75 -15.16 -2.42
C ILE A 182 42.43 -15.80 -2.86
N ILE A 183 41.53 -14.97 -3.41
CA ILE A 183 40.25 -15.47 -3.89
C ILE A 183 40.45 -16.40 -5.07
N TRP A 184 41.38 -16.04 -5.95
CA TRP A 184 41.50 -16.69 -7.24
C TRP A 184 42.00 -18.13 -7.11
N PHE A 185 43.07 -18.33 -6.35
CA PHE A 185 43.65 -19.64 -6.16
C PHE A 185 43.63 -20.62 -4.98
N MET A 186 42.75 -20.38 -4.01
CA MET A 186 42.58 -21.27 -2.84
C MET A 186 41.68 -22.43 -3.28
N PRO A 187 42.29 -23.56 -3.66
CA PRO A 187 41.37 -24.69 -3.66
C PRO A 187 41.10 -24.98 -2.20
N SER A 188 42.19 -24.91 -1.42
CA SER A 188 42.19 -25.40 -0.04
C SER A 188 42.98 -24.48 0.89
N LYS A 192 35.76 -24.27 0.40
CA LYS A 192 34.34 -24.58 0.24
C LYS A 192 33.61 -24.54 1.59
N PHE A 193 34.34 -24.16 2.62
CA PHE A 193 33.86 -23.17 3.59
C PHE A 193 35.11 -22.72 4.31
N ALA A 194 35.06 -21.51 4.84
CA ALA A 194 36.07 -20.49 4.66
C ALA A 194 35.94 -19.86 3.29
N PRO A 195 34.70 -19.49 2.91
CA PRO A 195 34.49 -18.81 1.64
C PRO A 195 35.61 -17.87 1.31
N PRO A 196 36.05 -17.88 0.04
CA PRO A 196 37.23 -17.09 -0.35
C PRO A 196 37.14 -15.62 0.03
N GLN A 197 36.02 -14.98 -0.27
CA GLN A 197 35.89 -13.55 -0.05
C GLN A 197 36.09 -13.14 1.40
N LEU A 198 35.49 -13.89 2.33
CA LEU A 198 35.71 -13.65 3.75
C LEU A 198 37.15 -14.01 4.17
N VAL A 199 37.71 -15.04 3.54
CA VAL A 199 39.11 -15.35 3.77
C VAL A 199 39.99 -14.20 3.27
N ALA A 200 39.83 -13.86 2.00
CA ALA A 200 40.57 -12.75 1.41
C ALA A 200 40.46 -11.52 2.31
N LEU A 201 39.23 -11.13 2.63
CA LEU A 201 39.00 -9.98 3.50
C LEU A 201 39.82 -10.04 4.79
N VAL A 202 39.69 -11.13 5.55
CA VAL A 202 40.41 -11.31 6.81
C VAL A 202 41.95 -11.29 6.68
N LEU A 203 42.50 -12.03 5.72
CA LEU A 203 43.96 -12.07 5.58
C LEU A 203 44.53 -10.71 5.17
N GLY A 204 43.97 -10.14 4.10
CA GLY A 204 44.27 -8.79 3.67
C GLY A 204 44.37 -7.77 4.79
N THR A 205 43.34 -7.66 5.63
CA THR A 205 43.51 -6.86 6.85
C THR A 205 44.76 -7.26 7.62
N ILE A 206 44.85 -8.52 8.01
CA ILE A 206 45.90 -8.89 8.94
C ILE A 206 47.27 -8.85 8.27
N ILE A 207 47.34 -8.98 6.95
CA ILE A 207 48.62 -8.81 6.28
C ILE A 207 49.08 -7.35 6.42
N SER A 208 48.25 -6.51 7.05
CA SER A 208 48.77 -5.26 7.55
C SER A 208 49.31 -5.48 8.97
N ILE A 209 49.87 -6.68 9.14
CA ILE A 209 51.00 -6.87 10.03
C ILE A 209 52.26 -7.03 9.23
N THR A 210 52.19 -7.22 7.92
CA THR A 210 53.42 -7.12 7.14
C THR A 210 53.52 -5.67 6.72
N LEU A 211 52.54 -5.16 6.01
CA LEU A 211 52.70 -3.80 5.56
C LEU A 211 52.22 -2.76 6.59
N PHE A 212 52.53 -2.91 7.88
CA PHE A 212 51.92 -2.00 8.86
C PHE A 212 52.62 -0.63 8.99
N GLY A 213 53.95 -0.64 8.87
CA GLY A 213 54.73 0.57 8.96
C GLY A 213 54.34 1.56 7.89
N ASP A 214 53.83 1.06 6.78
CA ASP A 214 53.38 1.92 5.70
C ASP A 214 52.04 2.54 6.06
N LEU A 215 51.67 3.58 5.32
CA LEU A 215 50.34 4.17 5.40
C LEU A 215 49.48 3.61 4.28
N ASP A 216 48.29 3.10 4.57
CA ASP A 216 47.32 2.85 3.50
C ASP A 216 45.90 3.15 3.95
N ILE A 217 45.02 3.34 2.95
CA ILE A 217 43.67 3.79 3.20
C ILE A 217 42.82 2.63 3.67
N ARG A 218 41.94 2.93 4.60
CA ARG A 218 41.12 1.93 5.18
C ARG A 218 39.75 2.51 5.31
N ARG A 219 38.78 1.66 5.52
CA ARG A 219 37.49 2.19 5.82
C ARG A 219 37.64 2.86 7.13
N ILE A 220 37.13 4.06 7.24
CA ILE A 220 37.50 4.85 8.40
C ILE A 220 36.48 4.42 9.44
N GLY A 221 36.34 5.20 10.49
CA GLY A 221 35.51 4.78 11.59
C GLY A 221 34.20 4.95 10.91
N GLU A 222 33.12 4.77 11.65
CA GLU A 222 31.81 4.98 11.07
C GLU A 222 30.67 4.77 12.01
N ILE A 223 29.53 5.31 11.59
CA ILE A 223 28.34 5.48 12.41
C ILE A 223 28.27 4.12 13.05
N GLN A 224 28.47 4.13 14.35
CA GLN A 224 28.12 3.07 15.26
C GLN A 224 26.64 2.80 15.25
N ALA A 225 26.26 1.55 15.29
CA ALA A 225 24.91 1.16 15.66
C ALA A 225 23.72 1.65 14.80
N GLY A 226 22.58 1.84 15.44
CA GLY A 226 21.31 1.95 14.78
C GLY A 226 21.18 3.03 13.75
N LEU A 227 20.29 2.81 12.82
CA LEU A 227 20.07 3.69 11.69
C LEU A 227 18.83 4.51 11.90
N PRO A 228 18.81 5.78 11.35
CA PRO A 228 17.56 6.52 11.60
C PRO A 228 16.79 7.01 10.39
N ALA A 229 15.48 7.15 10.55
CA ALA A 229 14.60 7.49 9.44
C ALA A 229 14.99 8.76 8.71
N LEU A 230 15.35 8.58 7.45
CA LEU A 230 15.43 9.67 6.50
C LEU A 230 14.18 9.59 5.63
N GLN A 231 13.13 10.35 5.96
CA GLN A 231 11.97 10.38 5.06
C GLN A 231 12.42 11.13 3.81
N LEU A 232 11.59 11.05 2.79
CA LEU A 232 11.73 11.64 1.47
C LEU A 232 12.20 13.10 1.72
N PRO A 233 13.30 13.57 1.04
CA PRO A 233 13.39 14.71 0.13
C PRO A 233 13.06 14.29 -1.28
N VAL A 234 11.87 14.62 -1.77
CA VAL A 234 11.57 14.49 -3.18
C VAL A 234 11.83 15.83 -3.86
N PHE A 235 11.89 16.87 -3.06
CA PHE A 235 12.48 18.15 -3.43
C PHE A 235 12.15 19.15 -4.51
N GLN A 236 10.99 19.03 -5.14
CA GLN A 236 10.55 19.92 -6.24
C GLN A 236 11.53 20.02 -7.43
N ALA A 237 12.51 19.15 -7.44
CA ALA A 237 13.73 19.32 -8.14
C ALA A 237 13.49 19.59 -9.58
N ASP A 238 14.55 20.11 -10.17
CA ASP A 238 14.72 20.08 -11.57
C ASP A 238 15.29 18.72 -11.62
N GLN A 239 15.67 18.22 -10.44
CA GLN A 239 16.00 16.84 -10.33
C GLN A 239 14.82 15.90 -10.62
N LEU A 240 13.62 16.29 -10.24
CA LEU A 240 12.59 15.29 -9.93
C LEU A 240 12.19 14.39 -11.11
N GLN A 241 11.97 15.01 -12.25
CA GLN A 241 11.81 14.30 -13.50
C GLN A 241 12.96 13.28 -13.68
N ARG A 242 14.18 13.67 -13.34
CA ARG A 242 15.32 12.76 -13.36
C ARG A 242 15.18 11.68 -12.27
N MET A 243 14.53 11.97 -11.14
CA MET A 243 14.44 10.96 -10.07
C MET A 243 13.57 9.76 -10.50
N LEU A 244 12.45 10.05 -11.15
CA LEU A 244 11.51 9.03 -11.54
C LEU A 244 12.05 8.14 -12.64
N ILE A 245 12.69 8.72 -13.66
CA ILE A 245 13.33 7.88 -14.66
C ILE A 245 14.31 6.97 -13.90
N ASP A 246 15.02 7.54 -12.93
CA ASP A 246 15.98 6.78 -12.13
C ASP A 246 15.24 5.68 -11.35
N ALA A 247 14.23 6.04 -10.55
CA ALA A 247 13.42 5.03 -9.86
C ALA A 247 12.80 3.99 -10.80
N ALA A 248 12.48 4.39 -12.02
CA ALA A 248 11.90 3.46 -12.98
C ALA A 248 12.91 2.38 -13.36
N VAL A 249 14.14 2.79 -13.72
CA VAL A 249 15.19 1.83 -14.09
C VAL A 249 15.51 0.92 -12.93
N LEU A 250 15.81 1.55 -11.79
CA LEU A 250 16.26 0.81 -10.61
C LEU A 250 15.23 -0.25 -10.22
N GLY A 251 13.96 0.17 -10.12
CA GLY A 251 12.88 -0.76 -9.86
C GLY A 251 12.82 -1.88 -10.88
N MET A 252 12.80 -1.53 -12.17
CA MET A 252 12.80 -2.53 -13.22
C MET A 252 13.96 -3.48 -13.05
N LEU A 253 15.17 -2.92 -12.99
CA LEU A 253 16.37 -3.73 -12.89
C LEU A 253 16.29 -4.66 -11.69
N GLY A 254 15.75 -4.16 -10.60
CA GLY A 254 15.68 -4.91 -9.39
C GLY A 254 14.70 -6.06 -9.45
N CYS A 255 13.84 -6.06 -10.43
CA CYS A 255 12.90 -7.14 -10.59
C CYS A 255 13.53 -8.15 -11.46
N ILE A 256 14.24 -7.71 -12.46
CA ILE A 256 14.87 -8.61 -13.38
C ILE A 256 15.94 -9.39 -12.68
N ASP A 257 16.63 -8.77 -11.77
CA ASP A 257 17.72 -9.42 -11.04
C ASP A 257 17.19 -10.26 -9.92
N ALA A 258 16.16 -9.79 -9.28
CA ALA A 258 15.52 -10.57 -8.25
C ALA A 258 14.87 -11.79 -8.82
N LEU A 259 14.32 -11.68 -10.02
CA LEU A 259 13.61 -12.78 -10.60
C LEU A 259 14.50 -13.80 -11.23
N LEU A 260 15.51 -13.35 -11.93
CA LEU A 260 16.33 -14.25 -12.69
C LEU A 260 16.95 -15.20 -11.77
N THR A 261 17.31 -14.70 -10.61
CA THR A 261 17.86 -15.52 -9.59
C THR A 261 16.82 -16.47 -9.06
N SER A 262 15.65 -15.95 -8.74
CA SER A 262 14.59 -16.79 -8.25
C SER A 262 14.34 -18.00 -9.16
N VAL A 263 14.80 -17.96 -10.39
CA VAL A 263 14.76 -19.11 -11.27
C VAL A 263 15.90 -20.07 -10.93
N VAL A 264 17.04 -19.49 -10.59
CA VAL A 264 18.13 -20.31 -10.09
C VAL A 264 17.71 -20.98 -8.79
N ALA A 265 17.02 -20.24 -7.91
CA ALA A 265 16.48 -20.82 -6.69
C ALA A 265 15.59 -22.02 -6.98
N ASP A 266 14.72 -21.89 -7.98
CA ASP A 266 13.89 -23.00 -8.44
C ASP A 266 14.76 -24.20 -8.82
N SER A 267 15.73 -24.01 -9.71
CA SER A 267 16.60 -25.10 -10.18
C SER A 267 17.20 -25.98 -9.11
N LEU A 268 17.80 -25.38 -8.11
CA LEU A 268 18.56 -26.13 -7.13
C LEU A 268 17.68 -26.82 -6.09
N THR A 269 16.37 -26.63 -6.18
CA THR A 269 15.49 -27.00 -5.08
C THR A 269 14.31 -27.86 -5.56
N ARG A 270 14.15 -27.96 -6.88
CA ARG A 270 13.07 -28.72 -7.51
C ARG A 270 11.72 -28.06 -7.23
N THR A 271 11.76 -26.94 -6.50
CA THR A 271 10.54 -26.19 -6.18
C THR A 271 10.24 -25.18 -7.30
N GLU A 272 9.06 -24.58 -7.24
CA GLU A 272 8.76 -23.38 -8.03
C GLU A 272 8.35 -22.25 -7.09
N HIS A 273 8.36 -21.01 -7.59
CA HIS A 273 8.17 -19.82 -6.75
C HIS A 273 7.16 -18.87 -7.34
N ASN A 274 6.76 -17.87 -6.56
CA ASN A 274 5.77 -16.92 -7.00
C ASN A 274 6.30 -15.52 -7.31
N SER A 275 6.38 -15.22 -8.60
CA SER A 275 6.97 -13.97 -9.09
C SER A 275 6.39 -12.67 -8.49
N ASN A 276 5.10 -12.44 -8.66
CA ASN A 276 4.54 -11.14 -8.29
C ASN A 276 4.63 -10.88 -6.80
N LYS A 277 4.58 -11.96 -6.02
CA LYS A 277 4.80 -11.83 -4.60
C LYS A 277 6.26 -11.49 -4.32
N GLU A 278 7.15 -12.05 -5.14
CA GLU A 278 8.57 -11.75 -4.95
C GLU A 278 8.83 -10.26 -5.17
N LEU A 279 8.30 -9.76 -6.28
CA LEU A 279 8.42 -8.35 -6.61
C LEU A 279 7.85 -7.51 -5.47
N VAL A 280 6.76 -7.94 -4.84
CA VAL A 280 6.23 -7.16 -3.74
C VAL A 280 7.21 -7.19 -2.56
N GLY A 281 7.73 -8.37 -2.24
CA GLY A 281 8.82 -8.49 -1.28
C GLY A 281 10.02 -7.60 -1.58
N GLN A 282 10.46 -7.59 -2.83
CA GLN A 282 11.56 -6.72 -3.21
C GLN A 282 11.20 -5.25 -2.95
N GLY A 283 10.04 -4.82 -3.45
CA GLY A 283 9.54 -3.47 -3.24
C GLY A 283 9.65 -3.05 -1.78
N ILE A 284 8.99 -3.80 -0.89
CA ILE A 284 8.96 -3.53 0.55
C ILE A 284 10.39 -3.42 1.07
N GLY A 285 11.21 -4.45 0.82
CA GLY A 285 12.58 -4.46 1.28
C GLY A 285 13.35 -3.20 0.85
N ASN A 286 13.08 -2.75 -0.38
CA ASN A 286 13.77 -1.58 -0.89
C ASN A 286 13.23 -0.29 -0.30
N VAL A 287 11.92 -0.13 -0.31
CA VAL A 287 11.30 1.00 0.38
C VAL A 287 11.85 1.17 1.81
N MET A 288 11.92 0.08 2.56
CA MET A 288 12.40 0.17 3.93
C MET A 288 13.86 0.52 3.99
N SER A 289 14.63 0.00 3.04
CA SER A 289 16.07 0.23 3.01
C SER A 289 16.35 1.68 2.76
N GLY A 290 15.61 2.24 1.81
CA GLY A 290 15.73 3.65 1.50
C GLY A 290 15.32 4.52 2.68
N LEU A 291 14.35 4.03 3.45
CA LEU A 291 13.79 4.81 4.54
C LEU A 291 14.79 4.93 5.68
N PHE A 292 15.89 4.16 5.57
CA PHE A 292 16.88 4.05 6.63
C PHE A 292 18.31 4.15 6.09
N GLY A 293 18.44 4.61 4.86
CA GLY A 293 19.73 4.95 4.28
C GLY A 293 20.45 3.73 3.73
N GLY A 294 19.69 2.66 3.53
CA GLY A 294 20.27 1.47 2.95
C GLY A 294 20.30 1.63 1.44
N LEU A 295 21.15 0.86 0.78
CA LEU A 295 21.13 0.83 -0.68
C LEU A 295 19.97 -0.03 -1.19
N GLY A 296 19.74 0.06 -2.50
CA GLY A 296 18.74 -0.76 -3.13
C GLY A 296 19.29 -2.15 -3.33
N GLY A 297 18.40 -3.14 -3.34
CA GLY A 297 18.85 -4.50 -3.34
C GLY A 297 18.06 -5.27 -4.35
N ALA A 298 18.33 -6.55 -4.45
CA ALA A 298 17.58 -7.53 -5.20
C ALA A 298 18.20 -8.84 -4.85
N GLY A 299 17.75 -9.90 -5.49
CA GLY A 299 18.15 -11.24 -5.19
C GLY A 299 19.50 -11.56 -5.70
N ALA A 300 20.32 -12.14 -4.85
CA ALA A 300 21.73 -12.13 -5.03
C ALA A 300 22.40 -13.20 -5.85
N THR A 301 21.91 -14.43 -5.83
CA THR A 301 22.53 -15.52 -6.60
C THR A 301 23.90 -16.06 -6.29
N MET A 302 24.61 -15.42 -5.39
CA MET A 302 25.88 -15.94 -4.94
C MET A 302 25.34 -16.16 -3.56
N GLY A 303 24.70 -15.16 -3.04
CA GLY A 303 24.17 -15.27 -1.71
C GLY A 303 23.18 -16.39 -1.55
N THR A 304 22.37 -16.61 -2.57
CA THR A 304 21.28 -17.56 -2.55
C THR A 304 21.74 -19.01 -2.70
N VAL A 305 22.60 -19.29 -3.68
CA VAL A 305 23.06 -20.66 -3.89
C VAL A 305 23.81 -21.12 -2.64
N VAL A 306 24.59 -20.23 -2.05
CA VAL A 306 25.39 -20.68 -0.93
C VAL A 306 24.50 -20.99 0.27
N ASN A 307 23.42 -20.20 0.43
CA ASN A 307 22.38 -20.47 1.44
C ASN A 307 21.79 -21.87 1.30
N ILE A 308 21.55 -22.26 0.05
CA ILE A 308 20.83 -23.49 -0.23
C ILE A 308 21.67 -24.72 -0.04
N GLN A 309 22.87 -24.67 -0.60
CA GLN A 309 23.86 -25.69 -0.33
C GLN A 309 24.13 -25.88 1.18
N SER A 310 24.15 -24.79 1.94
CA SER A 310 24.20 -24.89 3.39
C SER A 310 22.97 -25.63 3.86
N GLY A 311 21.94 -25.66 3.03
CA GLY A 311 20.71 -26.33 3.43
C GLY A 311 19.54 -25.46 3.80
N GLY A 312 19.55 -24.19 3.38
CA GLY A 312 18.40 -23.32 3.59
C GLY A 312 17.23 -23.79 2.73
N ARG A 313 16.04 -23.77 3.31
CA ARG A 313 14.88 -24.29 2.60
C ARG A 313 13.62 -23.44 2.85
N THR A 314 13.73 -22.49 3.76
CA THR A 314 12.58 -21.70 4.20
C THR A 314 12.97 -20.22 4.31
N ALA A 315 11.99 -19.30 4.31
CA ALA A 315 12.37 -17.91 4.38
C ALA A 315 13.04 -17.60 5.70
N LEU A 316 12.97 -18.53 6.64
CA LEU A 316 13.72 -18.37 7.89
C LEU A 316 15.24 -18.24 7.65
N SER A 317 15.76 -18.87 6.58
CA SER A 317 17.12 -18.63 6.15
C SER A 317 17.37 -17.14 6.07
N GLY A 318 16.50 -16.48 5.31
CA GLY A 318 16.62 -15.07 5.03
C GLY A 318 16.55 -14.22 6.26
N LEU A 319 15.47 -14.38 7.03
CA LEU A 319 15.30 -13.74 8.33
C LEU A 319 16.54 -13.90 9.20
N ILE A 320 17.02 -15.14 9.33
CA ILE A 320 18.18 -15.43 10.16
C ILE A 320 19.40 -14.70 9.63
N ARG A 321 19.54 -14.70 8.30
CA ARG A 321 20.69 -14.07 7.68
C ARG A 321 20.73 -12.61 8.09
N ALA A 322 19.66 -11.90 7.78
CA ALA A 322 19.50 -10.49 8.11
C ALA A 322 19.71 -10.15 9.60
N MET A 323 19.37 -11.07 10.50
CA MET A 323 19.62 -10.80 11.92
C MET A 323 21.06 -11.13 12.37
N VAL A 324 21.69 -12.14 11.78
CA VAL A 324 23.08 -12.35 12.08
C VAL A 324 23.80 -11.09 11.69
N LEU A 325 23.64 -10.71 10.42
CA LEU A 325 24.24 -9.48 9.90
C LEU A 325 24.02 -8.35 10.88
N LEU A 326 22.78 -8.20 11.30
CA LEU A 326 22.37 -7.09 12.16
C LEU A 326 23.20 -6.99 13.43
N VAL A 327 23.38 -8.09 14.15
CA VAL A 327 24.20 -8.03 15.36
C VAL A 327 25.66 -7.78 14.98
N VAL A 328 26.12 -8.37 13.88
CA VAL A 328 27.47 -8.16 13.42
C VAL A 328 27.78 -6.68 13.19
N ILE A 329 26.83 -5.99 12.57
CA ILE A 329 26.99 -4.57 12.32
C ILE A 329 27.04 -3.79 13.63
N LEU A 330 26.06 -3.97 14.48
CA LEU A 330 25.98 -3.17 15.69
C LEU A 330 26.95 -3.52 16.80
N GLY A 331 27.42 -4.74 16.83
CA GLY A 331 28.45 -5.07 17.79
C GLY A 331 29.87 -4.98 17.25
N ALA A 332 30.10 -5.41 16.00
CA ALA A 332 31.46 -5.48 15.49
C ALA A 332 31.85 -4.31 14.56
N ALA A 333 31.19 -3.15 14.72
CA ALA A 333 31.50 -1.96 13.93
C ALA A 333 32.96 -1.55 13.98
N LYS A 334 33.58 -1.59 15.16
CA LYS A 334 35.00 -1.24 15.30
C LYS A 334 35.96 -2.00 14.35
N LEU A 335 35.61 -3.24 13.98
CA LEU A 335 36.55 -4.05 13.18
C LEU A 335 36.72 -3.47 11.77
N ALA A 336 35.60 -3.11 11.16
CA ALA A 336 35.57 -2.56 9.81
C ALA A 336 36.60 -1.46 9.57
N ALA A 337 36.79 -0.60 10.56
CA ALA A 337 37.63 0.59 10.44
C ALA A 337 39.08 0.28 10.04
N THR A 338 39.53 -0.94 10.26
CA THR A 338 40.92 -1.24 9.95
C THR A 338 41.06 -1.91 8.59
N ILE A 339 39.93 -2.35 8.04
CA ILE A 339 39.89 -2.99 6.73
C ILE A 339 40.31 -1.97 5.69
N PRO A 340 41.42 -2.24 5.00
CA PRO A 340 41.90 -1.29 4.00
C PRO A 340 41.06 -1.35 2.72
N LEU A 341 40.97 -0.19 2.06
CA LEU A 341 40.20 -0.01 0.83
C LEU A 341 40.73 -0.88 -0.34
N ALA A 342 42.05 -1.03 -0.44
CA ALA A 342 42.62 -1.91 -1.47
C ALA A 342 42.02 -3.34 -1.44
N VAL A 343 41.96 -3.95 -0.27
CA VAL A 343 41.34 -5.27 -0.13
C VAL A 343 39.93 -5.31 -0.69
N LEU A 344 39.17 -4.26 -0.40
CA LEU A 344 37.80 -4.24 -0.90
C LEU A 344 37.77 -4.06 -2.41
N ALA A 345 38.67 -3.21 -2.90
CA ALA A 345 38.82 -3.01 -4.33
C ALA A 345 39.09 -4.34 -5.00
N GLY A 346 40.07 -5.06 -4.47
CA GLY A 346 40.36 -6.40 -4.95
C GLY A 346 39.11 -7.27 -5.01
N ILE A 347 38.35 -7.30 -3.91
CA ILE A 347 37.14 -8.12 -3.85
C ILE A 347 36.13 -7.68 -4.90
N ALA A 348 35.86 -6.39 -4.92
CA ALA A 348 34.96 -5.79 -5.88
C ALA A 348 35.45 -6.05 -7.31
N PHE A 349 36.74 -5.84 -7.53
CA PHE A 349 37.36 -6.23 -8.79
C PHE A 349 36.98 -7.65 -9.26
N LYS A 350 37.17 -8.66 -8.42
CA LYS A 350 36.91 -10.01 -8.90
C LYS A 350 35.43 -10.24 -9.11
N VAL A 351 34.58 -9.61 -8.30
CA VAL A 351 33.13 -9.71 -8.49
C VAL A 351 32.76 -9.19 -9.86
N GLY A 352 33.38 -8.07 -10.21
CA GLY A 352 33.26 -7.54 -11.55
C GLY A 352 33.70 -8.61 -12.52
N VAL A 353 34.96 -9.03 -12.40
CA VAL A 353 35.57 -10.02 -13.29
C VAL A 353 34.73 -11.27 -13.43
N ASP A 354 34.08 -11.62 -12.33
CA ASP A 354 33.38 -12.87 -12.23
C ASP A 354 32.03 -12.84 -12.93
N ILE A 355 31.37 -11.68 -12.89
CA ILE A 355 30.12 -11.47 -13.62
C ILE A 355 30.32 -11.17 -15.11
N ILE A 356 31.50 -10.84 -15.62
CA ILE A 356 31.56 -10.71 -17.08
C ILE A 356 31.66 -12.05 -17.84
N ASP A 357 30.76 -12.29 -18.79
CA ASP A 357 30.53 -13.59 -19.47
C ASP A 357 31.45 -14.07 -20.59
N TRP A 358 32.46 -14.84 -20.21
CA TRP A 358 33.47 -15.32 -21.14
C TRP A 358 34.08 -16.53 -21.79
N GLY A 359 33.41 -17.64 -22.09
CA GLY A 359 32.71 -18.72 -22.84
C GLY A 359 31.87 -18.35 -24.08
N PHE A 360 31.18 -17.24 -23.86
CA PHE A 360 30.36 -16.55 -24.82
C PHE A 360 31.32 -15.80 -25.65
N LEU A 361 32.31 -15.20 -25.01
CA LEU A 361 33.50 -14.83 -25.73
C LEU A 361 34.12 -16.17 -26.06
N LYS A 362 35.30 -16.46 -25.54
CA LYS A 362 35.90 -17.76 -25.81
C LYS A 362 37.27 -17.94 -25.19
N VAL A 367 25.45 -20.67 -32.81
CA VAL A 367 25.40 -19.50 -31.97
C VAL A 367 25.30 -18.26 -32.84
N SER A 368 24.07 -17.81 -33.04
CA SER A 368 23.72 -16.85 -34.05
C SER A 368 24.70 -15.74 -34.19
N ILE A 369 24.74 -15.22 -35.38
CA ILE A 369 25.50 -14.05 -35.73
C ILE A 369 24.68 -12.89 -35.23
N LYS A 370 23.39 -13.11 -35.08
CA LYS A 370 22.54 -12.12 -34.46
C LYS A 370 22.98 -11.91 -33.05
N GLY A 371 22.89 -12.96 -32.28
CA GLY A 371 23.12 -12.85 -30.87
C GLY A 371 24.47 -12.31 -30.54
N ALA A 372 25.44 -12.67 -31.32
CA ALA A 372 26.77 -12.23 -30.98
C ALA A 372 26.77 -10.75 -31.02
N LEU A 373 26.07 -10.19 -31.99
CA LEU A 373 26.10 -8.77 -32.20
C LEU A 373 25.29 -7.99 -31.18
N ILE A 374 24.06 -8.42 -31.00
CA ILE A 374 23.16 -7.88 -30.00
C ILE A 374 23.89 -7.74 -28.67
N MET A 375 24.53 -8.80 -28.25
CA MET A 375 25.28 -8.82 -27.02
C MET A 375 26.30 -7.73 -26.94
N TYR A 376 27.19 -7.69 -27.91
CA TYR A 376 28.23 -6.67 -28.01
C TYR A 376 27.68 -5.25 -27.93
N ALA A 377 26.58 -5.03 -28.64
CA ALA A 377 25.91 -3.74 -28.61
C ALA A 377 25.34 -3.49 -27.22
N VAL A 378 24.70 -4.49 -26.65
CA VAL A 378 24.08 -4.32 -25.34
C VAL A 378 25.17 -3.98 -24.35
N ILE A 379 26.32 -4.63 -24.50
CA ILE A 379 27.48 -4.32 -23.69
C ILE A 379 27.85 -2.86 -23.86
N VAL A 380 28.10 -2.45 -25.09
CA VAL A 380 28.53 -1.09 -25.36
C VAL A 380 27.47 -0.12 -24.90
N LEU A 381 26.22 -0.46 -25.16
CA LEU A 381 25.14 0.40 -24.74
C LEU A 381 25.13 0.54 -23.22
N THR A 382 25.50 -0.52 -22.53
CA THR A 382 25.35 -0.55 -21.08
C THR A 382 26.49 0.15 -20.38
N VAL A 383 27.60 0.34 -21.06
CA VAL A 383 28.68 1.14 -20.50
C VAL A 383 28.46 2.59 -20.85
N LEU A 384 27.90 2.84 -22.02
CA LEU A 384 27.64 4.21 -22.42
C LEU A 384 26.56 4.85 -21.52
N VAL A 385 25.41 4.21 -21.34
CA VAL A 385 24.39 4.80 -20.48
C VAL A 385 24.92 4.99 -19.04
N ASP A 386 25.67 4.01 -18.53
CA ASP A 386 26.31 4.16 -17.23
C ASP A 386 27.19 5.41 -17.15
N LEU A 387 28.10 5.52 -18.12
CA LEU A 387 29.00 6.65 -18.22
C LEU A 387 28.20 7.94 -18.30
N ILE A 388 27.07 7.87 -18.99
CA ILE A 388 26.19 9.02 -19.15
C ILE A 388 25.54 9.38 -17.86
N ALA A 389 24.92 8.40 -17.21
CA ALA A 389 24.06 8.69 -16.07
C ALA A 389 24.78 9.53 -15.00
N ALA A 390 26.05 9.28 -14.78
CA ALA A 390 26.81 10.14 -13.88
C ALA A 390 26.95 11.50 -14.55
N VAL A 391 26.57 12.57 -13.85
CA VAL A 391 26.57 13.90 -14.44
C VAL A 391 27.96 14.07 -15.04
N GLY A 392 28.01 14.29 -16.35
CA GLY A 392 29.28 14.33 -17.06
C GLY A 392 29.90 12.97 -17.32
N GLN B 1 -48.77 -7.53 14.95
CA GLN B 1 -49.59 -6.50 14.33
C GLN B 1 -48.99 -5.11 14.59
N ILE B 2 -48.70 -4.85 15.86
CA ILE B 2 -48.17 -3.56 16.29
C ILE B 2 -46.74 -3.28 15.83
N THR B 3 -45.88 -4.25 16.11
CA THR B 3 -44.45 -4.10 15.91
C THR B 3 -43.93 -5.24 15.06
N ASN B 4 -42.69 -5.10 14.57
CA ASN B 4 -41.99 -6.17 13.88
C ASN B 4 -42.03 -7.44 14.75
N LYS B 5 -41.75 -8.58 14.15
CA LYS B 5 -41.65 -9.83 14.83
C LYS B 5 -40.60 -9.84 15.94
N ILE B 6 -40.97 -9.89 17.21
CA ILE B 6 -39.98 -9.86 18.28
C ILE B 6 -40.30 -10.88 19.34
N HIS B 7 -39.48 -11.93 19.42
CA HIS B 7 -39.57 -12.85 20.53
C HIS B 7 -38.19 -13.29 21.03
N PHE B 8 -38.15 -14.30 21.88
CA PHE B 8 -36.89 -14.65 22.50
C PHE B 8 -36.50 -16.07 22.19
N ARG B 9 -37.28 -16.69 21.31
CA ARG B 9 -37.05 -18.07 20.97
C ARG B 9 -35.95 -18.21 19.94
N ASN B 10 -35.39 -17.08 19.50
CA ASN B 10 -34.20 -17.15 18.63
C ASN B 10 -33.03 -16.38 19.19
N LEU B 11 -32.99 -16.32 20.51
CA LEU B 11 -32.09 -15.47 21.24
C LEU B 11 -30.63 -15.71 20.89
N GLN B 12 -30.32 -16.97 20.64
CA GLN B 12 -28.95 -17.37 20.45
C GLN B 12 -28.45 -16.94 19.06
N GLY B 13 -29.30 -17.09 18.05
CA GLY B 13 -28.97 -16.62 16.71
C GLY B 13 -29.12 -15.11 16.58
N ASP B 14 -30.09 -14.54 17.29
CA ASP B 14 -30.32 -13.10 17.21
C ASP B 14 -29.13 -12.32 17.77
N LEU B 15 -28.51 -12.85 18.80
CA LEU B 15 -27.37 -12.20 19.39
C LEU B 15 -26.22 -12.18 18.40
N PHE B 16 -25.79 -13.36 17.96
CA PHE B 16 -24.75 -13.47 16.95
C PHE B 16 -25.04 -12.64 15.71
N GLY B 17 -26.26 -12.77 15.21
CA GLY B 17 -26.74 -11.95 14.12
C GLY B 17 -26.58 -10.46 14.35
N GLY B 18 -27.15 -9.93 15.43
CA GLY B 18 -27.07 -8.51 15.71
C GLY B 18 -25.64 -8.00 15.84
N VAL B 19 -24.87 -8.66 16.69
CA VAL B 19 -23.51 -8.27 17.01
C VAL B 19 -22.61 -8.24 15.78
N THR B 20 -22.64 -9.31 15.01
CA THR B 20 -21.87 -9.38 13.77
C THR B 20 -22.23 -8.22 12.86
N ALA B 21 -23.54 -7.94 12.81
CA ALA B 21 -24.04 -6.84 12.03
C ALA B 21 -23.53 -5.52 12.58
N ALA B 22 -23.45 -5.42 13.91
CA ALA B 22 -22.87 -4.24 14.57
C ALA B 22 -21.43 -3.98 14.13
N VAL B 23 -20.56 -4.94 14.39
CA VAL B 23 -19.17 -4.86 13.97
C VAL B 23 -19.02 -4.43 12.50
N ILE B 24 -19.77 -5.05 11.59
CA ILE B 24 -19.79 -4.63 10.18
C ILE B 24 -20.24 -3.17 9.98
N ALA B 25 -21.23 -2.73 10.76
CA ALA B 25 -21.79 -1.38 10.62
C ALA B 25 -20.79 -0.28 10.94
N LEU B 26 -20.10 -0.41 12.07
CA LEU B 26 -19.36 0.69 12.70
C LEU B 26 -18.38 1.36 11.76
N PRO B 27 -17.60 0.57 10.98
CA PRO B 27 -16.69 1.20 10.01
C PRO B 27 -17.38 2.10 8.99
N MET B 28 -18.33 1.53 8.24
CA MET B 28 -19.07 2.32 7.25
C MET B 28 -19.83 3.49 7.86
N ALA B 29 -20.13 3.40 9.15
CA ALA B 29 -20.90 4.43 9.83
C ALA B 29 -20.11 5.70 9.96
N LEU B 30 -18.96 5.57 10.62
CA LEU B 30 -18.02 6.66 10.77
C LEU B 30 -17.67 7.21 9.39
N ALA B 31 -17.55 6.28 8.45
CA ALA B 31 -17.22 6.62 7.10
C ALA B 31 -18.27 7.57 6.52
N PHE B 32 -19.49 7.09 6.37
CA PHE B 32 -20.54 7.86 5.73
C PHE B 32 -20.78 9.18 6.45
N GLY B 33 -20.60 9.17 7.77
CA GLY B 33 -20.74 10.38 8.55
C GLY B 33 -19.91 11.56 8.03
N ILE B 34 -18.68 11.27 7.64
CA ILE B 34 -17.71 12.28 7.23
C ILE B 34 -17.89 12.68 5.78
N ALA B 35 -18.08 11.68 4.94
CA ALA B 35 -18.32 11.91 3.55
C ALA B 35 -19.38 12.97 3.42
N SER B 36 -20.46 12.82 4.18
CA SER B 36 -21.68 13.61 4.03
C SER B 36 -21.52 15.07 4.41
N GLY B 37 -20.66 15.35 5.39
CA GLY B 37 -20.48 16.73 5.81
C GLY B 37 -21.03 17.03 7.18
N ALA B 38 -22.16 16.41 7.51
CA ALA B 38 -22.60 16.33 8.90
C ALA B 38 -21.57 15.57 9.74
N GLY B 39 -21.77 15.57 11.04
CA GLY B 39 -20.85 14.80 11.85
C GLY B 39 -20.62 13.35 11.39
N ALA B 40 -19.46 12.79 11.74
CA ALA B 40 -19.36 11.34 11.82
C ALA B 40 -20.33 10.85 12.89
N THR B 41 -20.55 11.69 13.90
CA THR B 41 -21.60 11.49 14.89
C THR B 41 -22.94 11.22 14.24
N ALA B 42 -23.28 12.05 13.26
CA ALA B 42 -24.55 11.91 12.56
C ALA B 42 -24.71 10.52 11.97
N GLY B 43 -23.63 10.02 11.39
CA GLY B 43 -23.66 8.70 10.82
C GLY B 43 -23.94 7.65 11.87
N LEU B 44 -23.18 7.71 12.97
CA LEU B 44 -23.29 6.70 14.02
C LEU B 44 -24.69 6.65 14.60
N TRP B 45 -25.16 7.76 15.15
CA TRP B 45 -26.49 7.74 15.73
C TRP B 45 -27.51 7.44 14.65
N GLY B 46 -27.24 7.91 13.44
CA GLY B 46 -28.00 7.48 12.27
C GLY B 46 -28.16 5.97 12.23
N ALA B 47 -27.04 5.24 12.44
CA ALA B 47 -27.08 3.78 12.33
C ALA B 47 -27.71 3.13 13.56
N VAL B 48 -27.58 3.78 14.73
CA VAL B 48 -28.24 3.30 15.95
C VAL B 48 -29.76 3.57 15.95
N ILE B 49 -30.15 4.82 15.71
CA ILE B 49 -31.55 5.20 15.81
C ILE B 49 -32.41 4.61 14.70
N VAL B 50 -32.07 4.88 13.44
CA VAL B 50 -32.80 4.29 12.32
C VAL B 50 -32.92 2.78 12.49
N GLY B 51 -31.76 2.15 12.75
CA GLY B 51 -31.69 0.73 13.02
C GLY B 51 -32.71 0.31 14.04
N PHE B 52 -32.65 0.93 15.22
CA PHE B 52 -33.54 0.60 16.33
C PHE B 52 -35.03 0.68 16.06
N PHE B 53 -35.45 1.69 15.32
CA PHE B 53 -36.88 1.89 15.15
C PHE B 53 -37.37 1.11 13.95
N ALA B 54 -36.59 1.13 12.87
CA ALA B 54 -36.92 0.38 11.67
C ALA B 54 -37.03 -1.07 12.00
N ALA B 55 -36.23 -1.51 12.96
CA ALA B 55 -36.29 -2.87 13.43
C ALA B 55 -37.56 -3.10 14.25
N LEU B 56 -37.90 -2.14 15.11
CA LEU B 56 -38.98 -2.35 16.06
C LEU B 56 -40.36 -2.20 15.39
N PHE B 57 -40.60 -1.07 14.73
CA PHE B 57 -41.91 -0.82 14.12
C PHE B 57 -42.04 -1.34 12.69
N GLY B 58 -41.03 -2.04 12.23
CA GLY B 58 -40.95 -2.41 10.84
C GLY B 58 -41.72 -3.62 10.46
N GLY B 59 -41.47 -4.13 9.29
CA GLY B 59 -42.25 -5.23 8.78
C GLY B 59 -41.44 -6.40 8.32
N THR B 60 -40.13 -6.28 8.44
CA THR B 60 -39.21 -7.33 8.04
C THR B 60 -38.27 -7.73 9.17
N PRO B 61 -38.49 -9.03 9.66
CA PRO B 61 -37.72 -9.34 10.88
C PRO B 61 -36.20 -9.26 10.91
N THR B 62 -35.52 -9.62 9.85
CA THR B 62 -34.07 -9.59 9.80
C THR B 62 -33.47 -8.38 9.16
N LEU B 63 -34.28 -7.40 8.83
CA LEU B 63 -33.78 -6.23 8.16
C LEU B 63 -32.77 -5.49 9.01
N ILE B 64 -31.65 -5.12 8.43
CA ILE B 64 -30.77 -4.22 9.12
C ILE B 64 -30.87 -2.87 8.46
N SER B 65 -31.15 -1.83 9.24
CA SER B 65 -31.32 -0.53 8.62
C SER B 65 -30.39 0.51 9.23
N GLU B 66 -29.79 1.30 8.35
CA GLU B 66 -28.81 2.31 8.68
C GLU B 66 -28.52 3.17 7.50
N PRO B 67 -27.62 4.13 7.60
CA PRO B 67 -27.29 4.97 6.46
C PRO B 67 -26.51 4.22 5.39
N THR B 68 -26.95 4.33 4.16
CA THR B 68 -26.59 3.32 3.20
C THR B 68 -25.58 3.55 2.14
N GLY B 69 -25.28 4.77 1.75
CA GLY B 69 -24.36 4.97 0.65
C GLY B 69 -24.78 4.89 -0.77
N PRO B 70 -26.14 4.79 -0.98
CA PRO B 70 -27.14 5.56 -1.72
C PRO B 70 -27.98 6.63 -1.00
N MET B 71 -28.20 6.49 0.28
CA MET B 71 -28.81 7.48 1.15
C MET B 71 -27.79 8.56 1.48
N THR B 72 -26.53 8.15 1.59
CA THR B 72 -25.45 9.06 1.95
C THR B 72 -24.98 9.96 0.80
N VAL B 73 -24.75 9.35 -0.37
CA VAL B 73 -24.43 10.14 -1.55
C VAL B 73 -25.52 11.18 -1.81
N VAL B 74 -26.79 10.83 -1.64
CA VAL B 74 -27.80 11.87 -1.75
C VAL B 74 -27.64 12.90 -0.64
N GLN B 75 -27.68 12.41 0.60
CA GLN B 75 -27.72 13.31 1.73
C GLN B 75 -26.54 14.24 1.71
N THR B 76 -25.47 13.80 1.05
CA THR B 76 -24.33 14.65 0.81
C THR B 76 -24.76 15.84 -0.04
N ALA B 77 -25.55 15.59 -1.08
CA ALA B 77 -26.00 16.66 -1.96
C ALA B 77 -26.87 17.63 -1.20
N VAL B 78 -27.89 17.10 -0.54
CA VAL B 78 -28.82 17.92 0.23
C VAL B 78 -28.07 18.82 1.21
N ILE B 79 -27.35 18.21 2.15
CA ILE B 79 -26.48 18.93 3.09
C ILE B 79 -25.70 20.03 2.39
N ALA B 80 -25.12 19.72 1.23
CA ALA B 80 -24.26 20.66 0.54
C ALA B 80 -25.06 21.81 0.01
N SER B 81 -26.17 21.51 -0.66
CA SER B 81 -26.98 22.58 -1.24
C SER B 81 -27.40 23.51 -0.12
N LEU B 82 -27.90 22.93 0.97
CA LEU B 82 -28.45 23.68 2.10
C LEU B 82 -27.42 24.43 2.91
N VAL B 83 -26.29 23.81 3.17
CA VAL B 83 -25.25 24.55 3.88
C VAL B 83 -24.74 25.72 3.00
N ALA B 84 -24.69 25.51 1.69
CA ALA B 84 -24.30 26.56 0.78
C ALA B 84 -25.31 27.71 0.74
N ALA B 85 -26.60 27.41 0.88
CA ALA B 85 -27.65 28.45 0.81
C ALA B 85 -27.75 29.18 2.12
N ASP B 86 -27.32 28.52 3.19
CA ASP B 86 -27.38 29.08 4.53
C ASP B 86 -26.47 28.29 5.43
N PRO B 87 -25.27 28.84 5.69
CA PRO B 87 -24.27 28.12 6.47
C PRO B 87 -24.67 27.98 7.94
N ASP B 88 -25.50 28.85 8.44
CA ASP B 88 -25.82 28.82 9.86
C ASP B 88 -26.92 27.84 10.16
N ASN B 89 -27.69 27.47 9.15
CA ASN B 89 -28.79 26.57 9.41
C ASN B 89 -28.90 25.38 8.44
N GLY B 90 -28.00 25.31 7.47
CA GLY B 90 -27.99 24.22 6.51
C GLY B 90 -28.15 22.82 7.07
N LEU B 91 -27.21 22.43 7.94
CA LEU B 91 -27.30 21.15 8.66
C LEU B 91 -28.68 20.95 9.27
N ALA B 92 -29.06 21.90 10.13
CA ALA B 92 -30.37 21.94 10.72
C ALA B 92 -31.42 21.66 9.68
N MET B 93 -31.36 22.36 8.56
CA MET B 93 -32.41 22.20 7.57
C MET B 93 -32.37 20.82 6.97
N ALA B 94 -31.17 20.28 6.81
CA ALA B 94 -30.97 18.95 6.26
C ALA B 94 -31.43 17.81 7.16
N PHE B 95 -31.09 17.87 8.44
CA PHE B 95 -31.63 16.88 9.37
C PHE B 95 -33.15 16.87 9.30
N THR B 96 -33.74 18.04 9.10
CA THR B 96 -35.19 18.14 8.94
C THR B 96 -35.68 17.53 7.65
N VAL B 97 -34.97 17.82 6.58
CA VAL B 97 -35.24 17.13 5.34
C VAL B 97 -35.27 15.62 5.56
N VAL B 98 -34.38 15.13 6.41
CA VAL B 98 -34.37 13.72 6.74
C VAL B 98 -35.67 13.36 7.50
N MET B 99 -36.15 14.28 8.32
CA MET B 99 -37.39 14.04 9.04
C MET B 99 -38.59 14.00 8.12
N MET B 100 -38.70 15.01 7.31
CA MET B 100 -39.80 15.06 6.38
C MET B 100 -39.83 13.83 5.50
N ALA B 101 -38.65 13.35 5.12
CA ALA B 101 -38.54 12.13 4.34
C ALA B 101 -39.25 11.03 5.10
N GLY B 102 -39.02 11.00 6.40
CA GLY B 102 -39.60 9.97 7.23
C GLY B 102 -41.08 10.02 7.04
N LEU B 103 -41.63 11.22 7.11
CA LEU B 103 -43.06 11.42 6.95
C LEU B 103 -43.58 11.00 5.57
N PHE B 104 -42.79 11.16 4.51
CA PHE B 104 -43.31 10.66 3.22
C PHE B 104 -43.28 9.14 3.21
N GLN B 105 -42.23 8.55 3.77
CA GLN B 105 -42.18 7.10 3.88
C GLN B 105 -43.40 6.59 4.63
N ILE B 106 -43.77 7.30 5.68
CA ILE B 106 -44.90 6.88 6.49
C ILE B 106 -46.20 7.01 5.71
N ALA B 107 -46.38 8.13 5.03
CA ALA B 107 -47.56 8.31 4.20
C ALA B 107 -47.70 7.19 3.14
N PHE B 108 -46.64 6.89 2.39
CA PHE B 108 -46.67 5.85 1.35
C PHE B 108 -47.15 4.51 1.92
N GLY B 109 -46.65 4.20 3.12
CA GLY B 109 -46.97 2.97 3.82
C GLY B 109 -48.43 2.89 4.22
N LEU B 110 -49.01 4.03 4.60
CA LEU B 110 -50.42 4.09 4.97
C LEU B 110 -51.26 4.04 3.72
N LEU B 111 -50.76 4.67 2.67
CA LEU B 111 -51.41 4.74 1.37
C LEU B 111 -51.29 3.47 0.56
N LYS B 112 -50.72 2.44 1.18
CA LYS B 112 -50.52 1.15 0.55
C LYS B 112 -49.83 1.37 -0.80
N LEU B 113 -48.72 2.10 -0.77
CA LEU B 113 -47.90 2.35 -1.95
C LEU B 113 -46.97 1.21 -2.25
N GLY B 114 -46.52 0.59 -1.17
CA GLY B 114 -45.35 -0.28 -1.16
C GLY B 114 -45.05 -1.31 -2.23
N LYS B 115 -46.04 -1.96 -2.80
CA LYS B 115 -45.68 -3.08 -3.64
C LYS B 115 -45.43 -2.54 -5.06
N TYR B 116 -45.87 -1.29 -5.28
CA TYR B 116 -45.49 -0.48 -6.43
C TYR B 116 -43.98 -0.32 -6.58
N VAL B 117 -43.23 -0.63 -5.54
CA VAL B 117 -41.83 -0.27 -5.55
C VAL B 117 -40.95 -1.33 -6.18
N THR B 118 -41.41 -2.58 -6.12
CA THR B 118 -40.76 -3.76 -6.75
C THR B 118 -40.22 -3.48 -8.15
N MET B 119 -41.13 -3.01 -9.00
CA MET B 119 -41.05 -3.06 -10.46
C MET B 119 -40.06 -1.89 -10.37
N MET B 120 -38.77 -2.21 -10.41
CA MET B 120 -37.50 -1.81 -11.01
C MET B 120 -36.92 -2.94 -11.82
N PRO B 121 -36.50 -2.63 -13.05
CA PRO B 121 -35.64 -3.51 -13.82
C PRO B 121 -34.34 -3.80 -13.06
N TYR B 122 -33.62 -4.82 -13.49
CA TYR B 122 -32.31 -5.08 -12.94
C TYR B 122 -31.29 -4.08 -13.45
N THR B 123 -31.33 -3.84 -14.76
CA THR B 123 -30.38 -2.95 -15.40
C THR B 123 -30.40 -1.59 -14.70
N VAL B 124 -31.58 -1.12 -14.35
CA VAL B 124 -31.66 0.22 -13.78
C VAL B 124 -30.97 0.25 -12.43
N ILE B 125 -31.29 -0.70 -11.56
CA ILE B 125 -30.64 -0.79 -10.24
C ILE B 125 -29.12 -0.75 -10.38
N SER B 126 -28.60 -1.62 -11.24
CA SER B 126 -27.17 -1.73 -11.48
C SER B 126 -26.51 -0.45 -11.95
N GLY B 127 -27.14 0.22 -12.89
CA GLY B 127 -26.63 1.51 -13.34
C GLY B 127 -26.65 2.55 -12.24
N PHE B 128 -27.78 2.62 -11.53
CA PHE B 128 -27.96 3.58 -10.45
C PHE B 128 -26.89 3.41 -9.38
N MET B 129 -26.61 2.18 -9.00
CA MET B 129 -25.64 1.94 -7.95
C MET B 129 -24.20 2.02 -8.41
N SER B 130 -23.97 1.85 -9.70
CA SER B 130 -22.64 2.08 -10.20
C SER B 130 -22.41 3.58 -10.20
N GLY B 131 -23.50 4.35 -10.36
CA GLY B 131 -23.44 5.80 -10.34
C GLY B 131 -23.05 6.34 -8.96
N ILE B 132 -23.64 5.75 -7.94
CA ILE B 132 -23.34 6.14 -6.57
C ILE B 132 -21.89 5.90 -6.19
N GLY B 133 -21.45 4.66 -6.37
CA GLY B 133 -20.11 4.28 -6.01
C GLY B 133 -19.11 5.20 -6.65
N ILE B 134 -19.29 5.50 -7.94
CA ILE B 134 -18.40 6.45 -8.58
C ILE B 134 -18.39 7.75 -7.78
N ILE B 135 -19.57 8.31 -7.54
CA ILE B 135 -19.70 9.58 -6.81
C ILE B 135 -19.06 9.45 -5.45
N LEU B 136 -19.30 8.32 -4.81
CA LEU B 136 -18.66 8.04 -3.55
C LEU B 136 -17.15 8.14 -3.71
N VAL B 137 -16.60 7.55 -4.76
CA VAL B 137 -15.16 7.54 -4.93
C VAL B 137 -14.58 8.92 -5.19
N ILE B 138 -15.23 9.69 -6.05
CA ILE B 138 -14.65 10.97 -6.40
C ILE B 138 -14.60 11.86 -5.18
N LEU B 139 -15.69 11.84 -4.44
CA LEU B 139 -15.75 12.49 -3.15
C LEU B 139 -14.56 12.14 -2.28
N GLN B 140 -14.05 10.93 -2.46
CA GLN B 140 -12.98 10.46 -1.62
C GLN B 140 -11.63 10.97 -2.04
N LEU B 141 -11.45 11.22 -3.33
CA LEU B 141 -10.13 11.62 -3.81
C LEU B 141 -9.74 13.01 -3.29
N ALA B 142 -10.71 13.78 -2.80
CA ALA B 142 -10.35 15.06 -2.20
C ALA B 142 -9.80 14.84 -0.78
N PRO B 143 -10.54 14.15 0.12
CA PRO B 143 -9.92 13.65 1.34
C PRO B 143 -8.64 12.82 1.21
N PHE B 144 -8.31 12.28 0.04
CA PHE B 144 -7.10 11.45 -0.14
C PHE B 144 -5.81 12.24 -0.12
N LEU B 145 -5.83 13.35 -0.82
CA LEU B 145 -4.66 14.16 -1.00
C LEU B 145 -4.41 15.09 0.19
N GLY B 146 -4.96 14.73 1.35
CA GLY B 146 -4.64 15.38 2.60
C GLY B 146 -5.53 16.53 3.00
N GLN B 147 -6.68 16.69 2.33
CA GLN B 147 -7.54 17.85 2.59
C GLN B 147 -9.03 17.55 2.60
N ALA B 148 -9.77 18.39 3.32
CA ALA B 148 -11.22 18.39 3.26
C ALA B 148 -11.71 18.66 1.84
N SER B 149 -12.91 18.17 1.58
CA SER B 149 -13.57 18.42 0.32
C SER B 149 -14.12 19.84 0.28
N PRO B 150 -13.85 20.55 -0.81
CA PRO B 150 -14.31 21.91 -0.96
C PRO B 150 -15.81 21.97 -1.08
N LYS B 151 -16.38 23.09 -0.68
CA LYS B 151 -17.81 23.23 -0.69
C LYS B 151 -18.34 22.89 -2.03
N GLY B 152 -19.62 22.59 -2.08
CA GLY B 152 -20.21 22.09 -3.30
C GLY B 152 -19.58 20.77 -3.65
N GLY B 153 -19.39 19.92 -2.64
CA GLY B 153 -18.74 18.63 -2.74
C GLY B 153 -18.85 17.97 -4.09
N VAL B 154 -17.72 17.70 -4.71
CA VAL B 154 -17.60 17.11 -6.04
C VAL B 154 -17.15 18.10 -7.10
N ILE B 155 -18.07 18.76 -7.77
CA ILE B 155 -17.62 19.69 -8.78
C ILE B 155 -16.92 20.81 -8.08
N GLY B 156 -16.87 20.72 -6.77
CA GLY B 156 -16.13 21.67 -5.99
C GLY B 156 -14.79 21.06 -5.78
N THR B 157 -14.76 19.73 -5.60
CA THR B 157 -13.47 19.04 -5.53
C THR B 157 -12.79 19.06 -6.89
N LEU B 158 -13.60 19.03 -7.96
CA LEU B 158 -13.08 19.06 -9.32
C LEU B 158 -12.67 20.47 -9.82
N GLN B 159 -13.11 21.54 -9.17
CA GLN B 159 -12.55 22.86 -9.48
C GLN B 159 -11.12 22.80 -9.03
N ALA B 160 -10.94 22.15 -7.89
CA ALA B 160 -9.70 22.29 -7.14
C ALA B 160 -8.70 21.12 -7.19
N LEU B 161 -8.88 20.09 -8.03
CA LEU B 161 -7.84 19.03 -8.13
C LEU B 161 -6.40 19.56 -8.43
N PRO B 162 -6.26 20.70 -9.17
CA PRO B 162 -4.85 21.04 -9.43
C PRO B 162 -4.04 21.37 -8.18
N ASN B 163 -4.66 22.28 -7.45
CA ASN B 163 -4.30 22.76 -6.15
C ASN B 163 -4.26 21.66 -5.06
N LEU B 164 -5.32 20.83 -4.97
CA LEU B 164 -5.32 19.62 -4.14
C LEU B 164 -4.07 18.70 -4.32
N VAL B 165 -3.71 18.34 -5.56
CA VAL B 165 -2.54 17.47 -5.77
C VAL B 165 -1.23 18.19 -5.39
N SER B 166 -1.12 19.47 -5.72
CA SER B 166 0.14 20.19 -5.56
C SER B 166 0.55 20.38 -4.10
N ASN B 167 -0.40 20.10 -3.23
CA ASN B 167 -0.52 20.65 -1.89
C ASN B 167 -0.80 19.57 -0.87
N VAL B 168 -0.57 18.33 -1.32
CA VAL B 168 -0.90 17.14 -0.55
C VAL B 168 -0.08 17.00 0.72
N ARG B 169 -0.70 16.34 1.69
CA ARG B 169 0.00 15.77 2.82
C ARG B 169 0.24 14.34 2.42
N PRO B 170 1.47 14.03 2.01
CA PRO B 170 1.70 12.67 1.51
C PRO B 170 1.42 11.60 2.57
N VAL B 171 1.49 11.97 3.86
CA VAL B 171 1.14 11.09 5.00
C VAL B 171 -0.28 10.55 4.92
N GLU B 172 -1.19 11.42 4.50
CA GLU B 172 -2.61 11.09 4.38
C GLU B 172 -2.90 10.24 3.17
N THR B 173 -2.23 10.55 2.06
CA THR B 173 -2.27 9.68 0.90
C THR B 173 -1.82 8.27 1.26
N LEU B 174 -0.77 8.18 2.06
CA LEU B 174 -0.24 6.88 2.41
C LEU B 174 -1.29 6.15 3.23
N LEU B 175 -1.74 6.82 4.29
CA LEU B 175 -2.82 6.38 5.14
C LEU B 175 -4.06 5.84 4.41
N ALA B 176 -4.54 6.58 3.44
CA ALA B 176 -5.63 6.07 2.62
C ALA B 176 -5.22 4.77 1.91
N LEU B 177 -4.06 4.79 1.24
CA LEU B 177 -3.56 3.66 0.45
C LEU B 177 -3.30 2.39 1.28
N MET B 178 -2.73 2.54 2.46
CA MET B 178 -2.67 1.40 3.37
C MET B 178 -4.05 0.88 3.78
N THR B 179 -4.97 1.77 4.17
CA THR B 179 -6.33 1.35 4.53
C THR B 179 -6.89 0.48 3.42
N VAL B 180 -6.97 1.03 2.21
CA VAL B 180 -7.38 0.23 1.08
C VAL B 180 -6.55 -1.03 0.95
N GLY B 181 -5.26 -0.91 1.25
CA GLY B 181 -4.37 -2.07 1.19
C GLY B 181 -4.95 -3.18 2.04
N ILE B 182 -4.96 -2.96 3.34
CA ILE B 182 -5.46 -3.90 4.30
C ILE B 182 -6.75 -4.59 3.84
N ILE B 183 -7.83 -3.84 3.72
CA ILE B 183 -9.13 -4.36 3.29
C ILE B 183 -9.02 -5.24 2.07
N TRP B 184 -8.33 -4.70 1.09
CA TRP B 184 -8.24 -5.38 -0.16
C TRP B 184 -7.37 -6.64 -0.05
N PHE B 185 -6.19 -6.55 0.56
CA PHE B 185 -5.25 -7.69 0.58
C PHE B 185 -5.28 -8.52 1.86
N MET B 186 -6.33 -8.37 2.63
CA MET B 186 -6.47 -9.20 3.79
C MET B 186 -6.77 -10.57 3.30
N PRO B 187 -6.04 -11.59 3.94
CA PRO B 187 -6.28 -12.92 3.38
C PRO B 187 -7.69 -13.40 3.64
N SER B 188 -8.38 -13.76 2.57
CA SER B 188 -9.73 -14.28 2.62
C SER B 188 -10.18 -15.27 3.65
N ARG B 189 -9.49 -16.37 3.70
CA ARG B 189 -9.61 -17.32 4.77
C ARG B 189 -9.57 -16.64 6.14
N TRP B 190 -8.73 -15.64 6.33
CA TRP B 190 -8.61 -15.02 7.66
C TRP B 190 -9.64 -14.07 8.23
N LYS B 191 -10.41 -13.45 7.35
CA LYS B 191 -11.48 -12.59 7.80
C LYS B 191 -12.73 -13.41 8.01
N LYS B 192 -12.57 -14.72 7.91
CA LYS B 192 -13.65 -15.65 8.27
C LYS B 192 -14.43 -15.04 9.40
N PHE B 193 -13.75 -14.79 10.52
CA PHE B 193 -14.29 -13.94 11.57
C PHE B 193 -13.39 -12.69 11.72
N ALA B 194 -14.02 -11.56 12.07
CA ALA B 194 -13.45 -10.20 12.05
C ALA B 194 -12.96 -9.00 11.25
N PRO B 195 -13.78 -8.51 10.33
CA PRO B 195 -14.21 -7.97 9.04
C PRO B 195 -13.08 -7.00 8.69
N PRO B 196 -12.74 -6.97 7.39
CA PRO B 196 -11.59 -6.21 6.84
C PRO B 196 -11.73 -4.69 6.97
N GLN B 197 -12.95 -4.17 6.92
CA GLN B 197 -13.18 -2.75 7.21
C GLN B 197 -12.90 -2.37 8.68
N LEU B 198 -13.20 -3.25 9.62
CA LEU B 198 -12.90 -2.98 11.01
C LEU B 198 -11.42 -3.16 11.33
N VAL B 199 -10.84 -4.24 10.82
CA VAL B 199 -9.41 -4.47 10.98
C VAL B 199 -8.65 -3.27 10.40
N ALA B 200 -9.00 -2.89 9.16
CA ALA B 200 -8.34 -1.75 8.53
C ALA B 200 -8.47 -0.50 9.41
N LEU B 201 -9.64 -0.31 9.99
CA LEU B 201 -9.90 0.85 10.85
C LEU B 201 -8.98 0.95 12.07
N VAL B 202 -8.90 -0.12 12.85
CA VAL B 202 -8.06 -0.14 14.02
C VAL B 202 -6.56 -0.06 13.68
N LEU B 203 -6.13 -0.67 12.59
CA LEU B 203 -4.70 -0.68 12.37
C LEU B 203 -4.24 0.65 11.74
N GLY B 204 -5.04 1.24 10.85
CA GLY B 204 -4.73 2.55 10.32
C GLY B 204 -4.59 3.58 11.42
N THR B 205 -5.37 3.41 12.49
CA THR B 205 -5.21 4.27 13.66
C THR B 205 -3.97 3.84 14.44
N ILE B 206 -3.82 2.54 14.66
CA ILE B 206 -2.68 2.05 15.43
C ILE B 206 -1.37 2.30 14.65
N ILE B 207 -1.49 2.49 13.35
CA ILE B 207 -0.34 2.88 12.55
C ILE B 207 -0.12 4.38 12.74
N SER B 208 -0.99 5.05 13.49
CA SER B 208 -0.69 6.43 13.85
C SER B 208 0.13 6.43 15.14
N ILE B 209 0.62 5.25 15.51
CA ILE B 209 1.66 5.08 16.52
C ILE B 209 3.06 5.33 15.92
N THR B 210 3.21 5.17 14.61
CA THR B 210 4.49 5.42 13.91
C THR B 210 4.47 6.79 13.19
N LEU B 211 3.32 7.18 12.67
CA LEU B 211 3.21 8.46 11.98
C LEU B 211 2.63 9.53 12.92
N PHE B 212 2.76 9.29 14.22
CA PHE B 212 2.17 10.13 15.26
C PHE B 212 2.60 11.60 15.22
N GLY B 213 3.91 11.83 15.14
CA GLY B 213 4.48 13.15 15.40
C GLY B 213 4.06 14.34 14.55
N ASP B 214 3.21 14.09 13.53
CA ASP B 214 2.91 15.13 12.51
C ASP B 214 1.45 15.04 12.06
N LEU B 215 0.87 16.18 11.68
CA LEU B 215 -0.59 16.37 11.62
C LEU B 215 -1.37 15.43 10.69
N ASP B 216 -2.31 14.69 11.27
CA ASP B 216 -3.26 13.86 10.52
C ASP B 216 -4.62 14.47 10.79
N ILE B 217 -5.44 14.65 9.76
CA ILE B 217 -6.76 15.16 10.06
C ILE B 217 -7.57 14.02 10.69
N ARG B 218 -7.87 14.17 11.96
CA ARG B 218 -8.62 13.19 12.66
C ARG B 218 -9.93 13.82 12.88
N ARG B 219 -10.94 13.03 13.18
CA ARG B 219 -12.18 13.58 13.64
C ARG B 219 -11.77 13.71 15.04
N ILE B 220 -12.42 14.57 15.81
CA ILE B 220 -11.98 14.75 17.18
C ILE B 220 -13.10 14.51 18.16
N GLY B 221 -13.54 13.28 18.25
CA GLY B 221 -14.52 12.91 19.23
C GLY B 221 -15.86 13.57 19.06
N GLU B 222 -16.88 12.89 19.58
CA GLU B 222 -18.25 13.37 19.53
C GLU B 222 -18.77 13.74 20.91
N ILE B 223 -18.24 13.09 21.94
CA ILE B 223 -18.41 13.52 23.33
C ILE B 223 -19.82 13.24 23.94
N GLN B 224 -20.83 12.82 23.16
CA GLN B 224 -22.18 12.73 23.76
C GLN B 224 -23.03 11.45 23.63
N ALA B 225 -24.08 11.45 24.45
CA ALA B 225 -25.12 10.42 24.49
C ALA B 225 -26.42 10.94 23.86
N GLY B 226 -26.71 10.52 22.63
CA GLY B 226 -27.82 11.07 21.85
C GLY B 226 -27.88 12.59 21.95
N LEU B 227 -28.99 13.09 22.49
CA LEU B 227 -29.11 14.36 23.21
C LEU B 227 -29.18 15.69 22.39
N PRO B 228 -29.48 15.67 21.07
CA PRO B 228 -30.06 16.93 20.59
C PRO B 228 -31.49 16.38 20.57
N ALA B 229 -32.50 17.23 20.66
CA ALA B 229 -33.77 17.16 20.01
C ALA B 229 -33.70 18.32 19.10
N LEU B 230 -33.29 18.07 17.88
CA LEU B 230 -33.18 19.12 16.92
C LEU B 230 -34.56 19.44 16.51
N GLN B 231 -34.99 20.65 16.77
CA GLN B 231 -36.36 21.02 16.54
C GLN B 231 -35.73 21.20 15.23
N LEU B 232 -36.43 21.89 14.37
CA LEU B 232 -36.27 21.70 12.97
C LEU B 232 -36.48 22.94 12.18
N PRO B 233 -35.35 23.76 12.00
CA PRO B 233 -35.50 24.74 10.94
C PRO B 233 -36.01 24.14 9.65
N VAL B 234 -37.25 23.70 9.68
CA VAL B 234 -38.07 23.78 8.51
C VAL B 234 -38.36 25.24 8.24
N PHE B 235 -37.85 26.13 9.08
CA PHE B 235 -38.01 27.53 8.91
C PHE B 235 -37.45 28.75 8.23
N GLN B 236 -36.91 28.55 7.05
CA GLN B 236 -36.22 29.60 6.39
C GLN B 236 -37.18 29.36 5.25
N ALA B 237 -38.17 30.23 5.23
CA ALA B 237 -39.21 30.32 4.23
C ALA B 237 -38.42 30.88 3.08
N ASP B 238 -37.46 30.16 2.57
CA ASP B 238 -37.00 29.52 1.37
C ASP B 238 -35.84 28.66 1.61
N GLN B 239 -35.62 27.79 0.65
CA GLN B 239 -35.00 26.51 0.82
C GLN B 239 -36.06 25.55 1.31
N LEU B 240 -37.24 26.04 1.61
CA LEU B 240 -38.28 25.09 1.99
C LEU B 240 -38.80 24.21 0.83
N GLN B 241 -39.19 24.78 -0.31
CA GLN B 241 -39.66 23.90 -1.39
C GLN B 241 -38.45 23.15 -1.97
N ARG B 242 -37.28 23.77 -1.95
CA ARG B 242 -36.04 23.01 -2.08
C ARG B 242 -36.00 21.82 -1.10
N MET B 243 -36.42 22.06 0.13
CA MET B 243 -36.34 21.06 1.19
C MET B 243 -37.39 19.97 0.95
N LEU B 244 -38.54 20.42 0.45
CA LEU B 244 -39.67 19.55 0.12
C LEU B 244 -39.35 18.62 -1.04
N ILE B 245 -38.63 19.11 -2.04
CA ILE B 245 -38.23 18.27 -3.13
C ILE B 245 -37.19 17.29 -2.62
N ASP B 246 -36.24 17.81 -1.85
CA ASP B 246 -35.18 16.99 -1.31
C ASP B 246 -35.72 15.92 -0.36
N ALA B 247 -36.79 16.24 0.38
CA ALA B 247 -37.44 15.27 1.27
C ALA B 247 -38.22 14.18 0.52
N ALA B 248 -38.90 14.60 -0.54
CA ALA B 248 -39.56 13.67 -1.42
C ALA B 248 -38.56 12.67 -2.00
N VAL B 249 -37.47 13.13 -2.62
CA VAL B 249 -36.54 12.18 -3.25
C VAL B 249 -35.84 11.29 -2.20
N LEU B 250 -35.42 11.88 -1.09
CA LEU B 250 -34.75 11.12 -0.04
C LEU B 250 -35.69 10.10 0.61
N GLY B 251 -36.96 10.49 0.72
CA GLY B 251 -37.96 9.57 1.22
C GLY B 251 -38.09 8.36 0.32
N MET B 252 -38.21 8.62 -0.97
CA MET B 252 -38.40 7.53 -1.92
C MET B 252 -37.21 6.64 -2.15
N LEU B 253 -36.02 7.21 -2.25
CA LEU B 253 -34.83 6.39 -2.36
C LEU B 253 -34.81 5.46 -1.17
N GLY B 254 -35.21 5.98 -0.02
CA GLY B 254 -35.39 5.18 1.17
C GLY B 254 -36.31 3.98 0.99
N CYS B 255 -37.47 4.18 0.36
CA CYS B 255 -38.35 3.05 0.17
C CYS B 255 -37.69 2.01 -0.73
N ILE B 256 -37.17 2.46 -1.87
CA ILE B 256 -36.63 1.55 -2.87
C ILE B 256 -35.44 0.79 -2.35
N ASP B 257 -34.68 1.44 -1.48
CA ASP B 257 -33.47 0.83 -0.92
C ASP B 257 -33.84 -0.21 0.12
N ALA B 258 -34.81 0.10 0.95
CA ALA B 258 -35.19 -0.81 2.01
C ALA B 258 -35.94 -2.03 1.47
N LEU B 259 -36.96 -1.79 0.65
CA LEU B 259 -37.75 -2.88 0.12
C LEU B 259 -36.96 -3.86 -0.77
N LEU B 260 -36.05 -3.37 -1.59
CA LEU B 260 -35.22 -4.27 -2.37
C LEU B 260 -34.36 -5.14 -1.45
N THR B 261 -33.82 -4.54 -0.41
CA THR B 261 -33.09 -5.31 0.58
C THR B 261 -34.01 -6.35 1.22
N SER B 262 -35.28 -5.99 1.43
CA SER B 262 -36.27 -6.93 1.95
C SER B 262 -36.37 -8.20 1.11
N VAL B 263 -36.41 -8.03 -0.20
CA VAL B 263 -36.48 -9.15 -1.13
C VAL B 263 -35.24 -10.05 -1.01
N VAL B 264 -34.05 -9.45 -0.99
CA VAL B 264 -32.83 -10.19 -0.61
C VAL B 264 -33.01 -10.90 0.75
N ALA B 265 -33.47 -10.19 1.78
CA ALA B 265 -33.74 -10.85 3.06
C ALA B 265 -34.64 -12.08 2.87
N ASP B 266 -35.83 -11.86 2.30
CA ASP B 266 -36.81 -12.92 2.05
C ASP B 266 -36.15 -14.10 1.37
N SER B 267 -35.38 -13.80 0.33
CA SER B 267 -34.78 -14.80 -0.53
C SER B 267 -33.95 -15.81 0.23
N LEU B 268 -33.15 -15.33 1.19
CA LEU B 268 -32.27 -16.14 2.04
C LEU B 268 -33.00 -16.98 3.10
N THR B 269 -34.01 -16.37 3.74
CA THR B 269 -34.78 -17.05 4.79
C THR B 269 -36.03 -17.79 4.29
N ARG B 270 -36.41 -17.53 3.05
CA ARG B 270 -37.59 -18.14 2.41
C ARG B 270 -38.88 -17.85 3.18
N THR B 271 -38.96 -16.65 3.71
CA THR B 271 -40.19 -16.21 4.34
C THR B 271 -40.70 -15.03 3.54
N GLU B 272 -41.61 -14.27 4.14
CA GLU B 272 -42.21 -13.12 3.48
C GLU B 272 -42.18 -11.90 4.41
N HIS B 273 -42.36 -10.70 3.84
CA HIS B 273 -42.44 -9.46 4.62
C HIS B 273 -43.67 -8.65 4.28
N ASN B 274 -44.07 -7.77 5.18
CA ASN B 274 -45.03 -6.75 4.81
C ASN B 274 -44.34 -5.43 4.50
N SER B 275 -44.56 -4.94 3.27
CA SER B 275 -43.75 -3.85 2.74
C SER B 275 -44.19 -2.47 3.20
N ASN B 276 -45.49 -2.30 3.34
CA ASN B 276 -46.06 -1.06 3.84
C ASN B 276 -45.75 -0.86 5.32
N LYS B 277 -45.78 -1.93 6.10
CA LYS B 277 -45.33 -1.80 7.47
C LYS B 277 -43.88 -1.44 7.41
N GLU B 278 -43.19 -2.00 6.41
CA GLU B 278 -41.78 -1.72 6.29
C GLU B 278 -41.62 -0.22 6.10
N LEU B 279 -42.45 0.34 5.22
CA LEU B 279 -42.43 1.77 4.94
C LEU B 279 -42.66 2.58 6.20
N VAL B 280 -43.66 2.24 6.99
CA VAL B 280 -43.86 2.98 8.22
C VAL B 280 -42.60 2.92 9.12
N GLY B 281 -42.15 1.70 9.42
CA GLY B 281 -41.00 1.50 10.29
C GLY B 281 -39.77 2.25 9.78
N GLN B 282 -39.54 2.19 8.47
CA GLN B 282 -38.44 2.92 7.86
C GLN B 282 -38.64 4.41 8.05
N GLY B 283 -39.87 4.88 7.82
CA GLY B 283 -40.18 6.27 8.03
C GLY B 283 -39.99 6.66 9.49
N ILE B 284 -40.58 5.90 10.40
CA ILE B 284 -40.48 6.23 11.83
C ILE B 284 -39.02 6.42 12.21
N GLY B 285 -38.19 5.41 11.91
CA GLY B 285 -36.75 5.43 12.15
C GLY B 285 -36.01 6.60 11.53
N ASN B 286 -36.39 6.93 10.30
CA ASN B 286 -35.84 8.10 9.68
C ASN B 286 -36.27 9.41 10.35
N VAL B 287 -37.58 9.60 10.58
CA VAL B 287 -38.04 10.74 11.37
C VAL B 287 -37.16 10.87 12.63
N MET B 288 -37.17 9.85 13.48
CA MET B 288 -36.45 9.89 14.74
C MET B 288 -34.96 10.24 14.58
N SER B 289 -34.32 9.64 13.58
CA SER B 289 -32.91 9.96 13.28
C SER B 289 -32.68 11.43 13.04
N GLY B 290 -33.56 12.03 12.25
CA GLY B 290 -33.37 13.41 11.88
C GLY B 290 -33.56 14.24 13.12
N LEU B 291 -34.59 13.84 13.89
CA LEU B 291 -35.02 14.54 15.10
C LEU B 291 -33.92 14.61 16.14
N PHE B 292 -32.97 13.67 16.09
CA PHE B 292 -31.84 13.64 17.01
C PHE B 292 -30.47 13.77 16.34
N GLY B 293 -30.47 14.29 15.11
CA GLY B 293 -29.25 14.64 14.40
C GLY B 293 -28.53 13.54 13.63
N GLY B 294 -29.22 12.44 13.35
CA GLY B 294 -28.56 11.37 12.64
C GLY B 294 -28.96 11.40 11.19
N LEU B 295 -28.12 10.83 10.35
CA LEU B 295 -28.45 10.65 8.94
C LEU B 295 -29.66 9.76 8.70
N GLY B 296 -30.31 9.98 7.56
CA GLY B 296 -31.37 9.10 7.08
C GLY B 296 -30.78 7.77 6.71
N GLY B 297 -31.62 6.76 6.62
CA GLY B 297 -31.11 5.40 6.53
C GLY B 297 -32.09 4.52 5.80
N ALA B 298 -31.70 3.29 5.57
CA ALA B 298 -32.49 2.38 4.78
C ALA B 298 -32.11 0.98 5.09
N GLY B 299 -32.65 0.05 4.31
CA GLY B 299 -32.39 -1.34 4.48
C GLY B 299 -31.06 -1.72 3.92
N ALA B 300 -30.23 -2.27 4.77
CA ALA B 300 -28.83 -2.36 4.54
C ALA B 300 -28.32 -3.28 3.51
N THR B 301 -28.82 -4.49 3.46
CA THR B 301 -28.34 -5.50 2.54
C THR B 301 -26.97 -6.07 2.56
N MET B 302 -26.16 -5.55 3.43
CA MET B 302 -24.82 -6.02 3.53
C MET B 302 -24.96 -6.28 4.98
N GLY B 303 -25.69 -5.43 5.68
CA GLY B 303 -25.92 -5.65 7.07
C GLY B 303 -26.99 -6.67 7.29
N THR B 304 -27.94 -6.71 6.38
CA THR B 304 -28.98 -7.71 6.51
C THR B 304 -28.46 -9.10 6.32
N VAL B 305 -27.57 -9.27 5.34
CA VAL B 305 -27.04 -10.57 4.96
C VAL B 305 -26.17 -11.12 6.06
N VAL B 306 -25.10 -10.41 6.39
CA VAL B 306 -24.26 -10.76 7.53
C VAL B 306 -25.07 -11.15 8.78
N ASN B 307 -26.24 -10.55 8.93
CA ASN B 307 -27.08 -10.79 10.10
C ASN B 307 -27.84 -12.10 9.95
N ILE B 308 -28.38 -12.34 8.77
CA ILE B 308 -29.12 -13.57 8.54
C ILE B 308 -28.20 -14.81 8.56
N GLN B 309 -27.06 -14.70 7.89
CA GLN B 309 -26.14 -15.83 7.80
C GLN B 309 -25.49 -16.06 9.16
N SER B 310 -25.73 -15.17 10.11
CA SER B 310 -25.29 -15.42 11.47
C SER B 310 -26.42 -16.10 12.26
N GLY B 311 -27.60 -16.19 11.68
CA GLY B 311 -28.65 -16.92 12.33
C GLY B 311 -29.74 -16.01 12.85
N GLY B 312 -29.54 -14.71 12.65
CA GLY B 312 -30.56 -13.73 12.95
C GLY B 312 -31.83 -14.18 12.28
N ARG B 313 -32.88 -14.23 13.09
CA ARG B 313 -34.18 -14.52 12.55
C ARG B 313 -35.28 -13.70 13.19
N THR B 314 -34.95 -12.77 14.06
CA THR B 314 -36.02 -11.99 14.65
C THR B 314 -35.61 -10.54 14.76
N ALA B 315 -36.57 -9.62 14.65
CA ALA B 315 -36.23 -8.22 14.74
C ALA B 315 -35.51 -7.93 16.05
N LEU B 316 -35.41 -8.95 16.91
CA LEU B 316 -34.51 -8.91 18.05
C LEU B 316 -33.07 -8.79 17.60
N SER B 317 -32.73 -9.38 16.44
CA SER B 317 -31.47 -9.10 15.77
C SER B 317 -31.20 -7.61 15.83
N GLY B 318 -32.05 -6.89 15.09
CA GLY B 318 -31.90 -5.47 14.87
C GLY B 318 -31.76 -4.62 16.12
N LEU B 319 -32.67 -4.81 17.06
CA LEU B 319 -32.61 -4.13 18.32
C LEU B 319 -31.25 -4.40 18.98
N ILE B 320 -30.86 -5.67 19.03
CA ILE B 320 -29.55 -6.04 19.57
C ILE B 320 -28.47 -5.20 18.90
N ARG B 321 -28.46 -5.17 17.56
CA ARG B 321 -27.43 -4.44 16.84
C ARG B 321 -27.40 -2.99 17.25
N ALA B 322 -28.59 -2.41 17.39
CA ALA B 322 -28.72 -1.00 17.67
C ALA B 322 -28.10 -0.64 19.00
N MET B 323 -28.42 -1.41 20.05
CA MET B 323 -27.95 -1.08 21.40
C MET B 323 -26.53 -1.56 21.70
N VAL B 324 -26.06 -2.59 21.00
CA VAL B 324 -24.63 -2.88 21.02
C VAL B 324 -23.85 -1.68 20.45
N LEU B 325 -24.24 -1.21 19.25
CA LEU B 325 -23.58 -0.07 18.62
C LEU B 325 -23.58 1.10 19.59
N LEU B 326 -24.77 1.40 20.10
CA LEU B 326 -24.96 2.48 21.08
C LEU B 326 -24.03 2.33 22.27
N VAL B 327 -24.08 1.17 22.91
CA VAL B 327 -23.18 0.90 24.02
C VAL B 327 -21.75 1.19 23.59
N VAL B 328 -21.38 0.74 22.38
CA VAL B 328 -20.03 0.96 21.87
C VAL B 328 -19.78 2.45 21.64
N ILE B 329 -20.69 3.11 20.94
CA ILE B 329 -20.62 4.57 20.81
C ILE B 329 -20.34 5.25 22.14
N LEU B 330 -21.12 4.96 23.18
CA LEU B 330 -20.87 5.65 24.44
C LEU B 330 -19.47 5.38 25.00
N GLY B 331 -19.07 4.11 25.04
CA GLY B 331 -17.79 3.76 25.62
C GLY B 331 -16.55 4.14 24.81
N ALA B 332 -16.63 4.03 23.49
CA ALA B 332 -15.47 4.16 22.63
C ALA B 332 -15.31 5.57 22.10
N ALA B 333 -16.21 6.48 22.50
CA ALA B 333 -16.24 7.85 21.95
C ALA B 333 -14.85 8.48 21.97
N LYS B 334 -14.27 8.56 23.17
CA LYS B 334 -12.94 9.12 23.39
C LYS B 334 -11.96 8.57 22.34
N LEU B 335 -12.15 7.30 21.99
CA LEU B 335 -11.25 6.63 21.05
C LEU B 335 -11.49 7.01 19.59
N ALA B 336 -12.72 7.41 19.27
CA ALA B 336 -13.05 7.77 17.90
C ALA B 336 -12.17 8.91 17.46
N ALA B 337 -12.08 9.93 18.31
CA ALA B 337 -11.31 11.15 18.08
C ALA B 337 -9.87 10.64 18.28
N THR B 338 -9.41 9.76 17.41
CA THR B 338 -8.07 9.49 16.91
C THR B 338 -8.08 9.08 15.44
N ILE B 339 -9.21 8.54 15.01
CA ILE B 339 -9.31 7.93 13.68
C ILE B 339 -9.05 8.91 12.55
N PRO B 340 -7.93 8.71 11.81
CA PRO B 340 -7.52 9.50 10.65
C PRO B 340 -8.64 9.59 9.62
N LEU B 341 -8.96 10.80 9.19
CA LEU B 341 -9.99 11.00 8.18
C LEU B 341 -9.49 10.41 6.86
N ALA B 342 -8.19 10.15 6.79
CA ALA B 342 -7.60 9.48 5.66
C ALA B 342 -8.00 8.00 5.62
N VAL B 343 -8.07 7.38 6.80
CA VAL B 343 -8.40 5.97 6.91
C VAL B 343 -9.86 5.78 6.62
N LEU B 344 -10.69 6.69 7.10
CA LEU B 344 -12.09 6.60 6.75
C LEU B 344 -12.25 6.81 5.25
N ALA B 345 -11.58 7.82 4.72
CA ALA B 345 -11.59 8.05 3.28
C ALA B 345 -11.28 6.80 2.44
N GLY B 346 -10.38 5.94 2.89
CA GLY B 346 -10.17 4.70 2.18
C GLY B 346 -11.35 3.75 2.30
N ILE B 347 -11.82 3.55 3.54
CA ILE B 347 -12.95 2.66 3.81
C ILE B 347 -14.14 2.95 2.87
N ALA B 348 -14.50 4.23 2.77
CA ALA B 348 -15.49 4.68 1.79
C ALA B 348 -15.11 4.29 0.35
N PHE B 349 -13.87 4.62 -0.03
CA PHE B 349 -13.35 4.29 -1.36
C PHE B 349 -13.66 2.85 -1.70
N LYS B 350 -13.25 1.96 -0.80
CA LYS B 350 -13.47 0.54 -0.98
C LYS B 350 -14.97 0.31 -1.19
N VAL B 351 -15.78 0.88 -0.30
CA VAL B 351 -17.23 0.74 -0.38
C VAL B 351 -17.70 1.12 -1.75
N GLY B 352 -17.18 2.23 -2.25
CA GLY B 352 -17.58 2.75 -3.52
C GLY B 352 -17.36 1.69 -4.56
N VAL B 353 -16.13 1.27 -4.68
CA VAL B 353 -15.74 0.34 -5.67
C VAL B 353 -16.47 -0.93 -5.46
N ASP B 354 -16.98 -1.15 -4.27
CA ASP B 354 -17.60 -2.41 -3.96
C ASP B 354 -18.92 -2.46 -4.65
N ILE B 355 -19.49 -1.31 -4.94
CA ILE B 355 -20.83 -1.28 -5.44
C ILE B 355 -20.92 -1.18 -6.93
N ILE B 356 -19.92 -0.60 -7.56
CA ILE B 356 -19.85 -0.64 -8.99
C ILE B 356 -19.96 -2.08 -9.47
N ASP B 357 -20.85 -2.26 -10.44
CA ASP B 357 -21.25 -3.55 -10.94
C ASP B 357 -20.18 -3.90 -11.89
N TRP B 358 -18.97 -3.92 -11.34
CA TRP B 358 -17.74 -4.18 -12.05
C TRP B 358 -17.57 -5.67 -11.96
N GLY B 359 -18.61 -6.35 -12.39
CA GLY B 359 -18.87 -7.59 -13.07
C GLY B 359 -19.53 -7.72 -14.41
N PHE B 360 -20.80 -7.35 -14.43
CA PHE B 360 -21.62 -6.92 -15.56
C PHE B 360 -20.88 -5.97 -16.47
N LEU B 361 -20.40 -4.89 -15.90
CA LEU B 361 -19.74 -3.89 -16.71
C LEU B 361 -18.52 -4.17 -17.54
N LYS B 362 -17.46 -4.64 -16.91
CA LYS B 362 -16.28 -4.98 -17.66
C LYS B 362 -16.43 -6.35 -18.27
N ARG B 363 -17.54 -7.00 -17.98
CA ARG B 363 -17.71 -8.38 -18.40
C ARG B 363 -18.94 -8.43 -19.22
N ALA B 364 -19.68 -9.51 -19.07
CA ALA B 364 -20.94 -9.48 -19.79
C ALA B 364 -20.80 -8.62 -21.02
N HIS B 365 -20.20 -9.20 -22.07
CA HIS B 365 -20.12 -8.63 -23.42
C HIS B 365 -21.31 -7.77 -23.81
N HIS B 366 -22.48 -8.35 -23.66
CA HIS B 366 -23.73 -7.63 -23.57
C HIS B 366 -24.94 -8.55 -23.35
N VAL B 367 -25.89 -8.04 -22.57
CA VAL B 367 -27.24 -8.56 -22.55
C VAL B 367 -27.78 -7.77 -23.71
N SER B 368 -29.05 -7.92 -24.04
CA SER B 368 -29.52 -7.06 -25.06
C SER B 368 -28.69 -5.84 -24.77
N ILE B 369 -27.91 -5.40 -25.74
CA ILE B 369 -27.18 -4.16 -25.61
C ILE B 369 -28.14 -3.08 -25.18
N LYS B 370 -29.42 -3.31 -25.44
CA LYS B 370 -30.45 -2.46 -24.92
C LYS B 370 -30.28 -2.39 -23.44
N GLY B 371 -30.31 -3.54 -22.80
CA GLY B 371 -30.15 -3.56 -21.37
C GLY B 371 -28.90 -2.84 -20.99
N ALA B 372 -27.81 -3.17 -21.63
CA ALA B 372 -26.54 -2.60 -21.21
C ALA B 372 -26.52 -1.08 -21.27
N LEU B 373 -27.16 -0.57 -22.29
CA LEU B 373 -27.22 0.84 -22.54
C LEU B 373 -28.07 1.51 -21.55
N ILE B 374 -29.22 0.93 -21.25
CA ILE B 374 -30.05 1.48 -20.21
C ILE B 374 -29.24 1.55 -18.94
N MET B 375 -28.44 0.53 -18.70
CA MET B 375 -27.53 0.51 -17.59
C MET B 375 -26.65 1.74 -17.55
N TYR B 376 -25.91 1.98 -18.61
CA TYR B 376 -25.06 3.15 -18.73
C TYR B 376 -25.75 4.49 -18.70
N ALA B 377 -26.98 4.51 -19.16
CA ALA B 377 -27.68 5.74 -19.29
C ALA B 377 -27.99 6.14 -17.90
N VAL B 378 -28.65 5.25 -17.20
CA VAL B 378 -28.89 5.39 -15.77
C VAL B 378 -27.64 5.82 -14.99
N ILE B 379 -26.50 5.19 -15.23
CA ILE B 379 -25.27 5.60 -14.55
C ILE B 379 -25.05 7.11 -14.73
N VAL B 380 -24.97 7.52 -15.99
CA VAL B 380 -24.70 8.91 -16.35
C VAL B 380 -25.72 9.86 -15.75
N LEU B 381 -26.99 9.58 -16.01
CA LEU B 381 -28.11 10.30 -15.39
C LEU B 381 -27.88 10.51 -13.89
N THR B 382 -27.57 9.44 -13.18
CA THR B 382 -27.27 9.54 -11.75
C THR B 382 -26.16 10.54 -11.41
N VAL B 383 -25.01 10.35 -12.04
CA VAL B 383 -23.90 11.27 -11.89
C VAL B 383 -24.38 12.69 -12.17
N LEU B 384 -24.90 12.90 -13.38
CA LEU B 384 -25.37 14.21 -13.81
C LEU B 384 -26.32 14.87 -12.80
N VAL B 385 -27.39 14.18 -12.39
CA VAL B 385 -28.34 14.72 -11.41
C VAL B 385 -27.66 15.16 -10.13
N ASP B 386 -26.96 14.22 -9.50
CA ASP B 386 -26.32 14.44 -8.21
C ASP B 386 -25.40 15.64 -8.20
N LEU B 387 -24.74 15.83 -9.34
CA LEU B 387 -23.73 16.84 -9.54
C LEU B 387 -24.41 18.16 -9.64
N ILE B 388 -25.41 18.20 -10.49
CA ILE B 388 -26.29 19.35 -10.59
C ILE B 388 -26.89 19.71 -9.23
N ALA B 389 -27.23 18.68 -8.46
CA ALA B 389 -27.96 18.90 -7.22
C ALA B 389 -27.07 19.58 -6.22
N ALA B 390 -25.83 19.10 -6.13
CA ALA B 390 -24.91 19.59 -5.10
C ALA B 390 -24.58 21.05 -5.36
N VAL B 391 -24.55 21.42 -6.64
CA VAL B 391 -24.17 22.78 -7.00
C VAL B 391 -25.32 23.73 -6.64
N GLY B 392 -26.54 23.27 -6.94
CA GLY B 392 -27.75 24.05 -6.76
C GLY B 392 -27.77 24.78 -5.43
C BCT C . 24.64 -11.11 -8.25
O1 BCT C . 24.98 -11.94 -7.38
O2 BCT C . 25.34 -10.14 -8.49
O3 BCT C . 23.53 -11.26 -8.94
NA NA D . 21.11 -12.06 -9.08
C18 OLC E . 17.43 -2.67 -26.14
C10 OLC E . 18.86 -5.42 -18.41
C9 OLC E . 18.92 -6.88 -18.14
C17 OLC E . 17.31 -1.86 -24.89
C11 OLC E . 18.28 -5.18 -19.77
C8 OLC E . 19.05 -7.14 -16.67
C24 OLC E . 26.70 -14.05 -13.58
C16 OLC E . 18.64 -1.81 -24.19
C12 OLC E . 19.31 -4.71 -20.76
C7 OLC E . 19.77 -8.44 -16.45
C15 OLC E . 18.81 -2.94 -23.20
C13 OLC E . 19.38 -3.21 -20.77
C6 OLC E . 20.13 -8.68 -15.01
C14 OLC E . 19.83 -2.66 -22.11
C5 OLC E . 20.75 -10.05 -14.90
C4 OLC E . 21.23 -10.37 -13.51
C3 OLC E . 21.17 -11.85 -13.26
C2 OLC E . 22.54 -12.40 -13.01
C21 OLC E . 24.82 -13.83 -12.03
C1 OLC E . 22.53 -13.87 -12.68
C22 OLC E . 26.10 -14.55 -12.29
O19 OLC E . 21.47 -14.45 -12.61
O25 OLC E . 27.59 -15.00 -14.10
O23 OLC E . 26.98 -14.30 -11.21
O20 OLC E . 23.72 -14.60 -12.48
C BCT F . -26.32 -0.69 0.62
O1 BCT F . -26.32 -1.35 1.67
O2 BCT F . -25.25 -0.32 0.13
O3 BCT F . -27.47 -0.37 0.03
NA NA G . -30.11 -1.75 0.33
C18 OLC H . -35.06 11.56 -15.17
C10 OLC H . -32.13 6.01 -11.37
C9 OLC H . -33.20 5.91 -10.30
C17 OLC H . -34.83 10.89 -13.83
C11 OLC H . -31.97 7.41 -11.91
C8 OLC H . -33.43 4.49 -9.83
C24 OLC H . -28.49 -5.22 -4.06
C16 OLC H . -34.32 11.88 -12.82
C12 OLC H . -31.38 8.42 -10.95
C7 OLC H . -33.29 4.31 -8.34
C15 OLC H . -33.98 11.24 -11.48
C13 OLC H . -31.93 9.82 -11.06
C6 OLC H . -32.92 2.89 -8.04
C14 OLC H . -33.33 9.89 -11.59
C5 OLC H . -32.70 2.60 -6.57
C4 OLC H . -31.85 1.36 -6.38
C3 OLC H . -31.52 1.06 -4.94
C2 OLC H . -30.33 0.14 -4.91
C21 OLC H . -29.68 -3.14 -3.55
C1 OLC H . -30.34 -0.90 -3.82
C22 OLC H . -28.42 -3.91 -3.33
O19 OLC H . -31.24 -0.98 -3.06
O25 OLC H . -27.28 -5.89 -3.83
O23 OLC H . -27.37 -3.17 -3.85
O20 OLC H . -29.27 -1.80 -3.69
#